data_4Q7C
#
_entry.id   4Q7C
#
_cell.length_a   46.417
_cell.length_b   90.852
_cell.length_c   106.611
_cell.angle_alpha   90.00
_cell.angle_beta   92.21
_cell.angle_gamma   90.00
#
_symmetry.space_group_name_H-M   'P 1 21 1'
#
loop_
_entity.id
_entity.type
_entity.pdbx_description
1 polymer 'AF2299, a CDP-alcohol phosphotransferase'
2 non-polymer 'CALCIUM ION'
3 non-polymer '[(Z)-octadec-9-enyl] (2R)-2,3-bis(oxidanyl)propanoate'
4 non-polymer 'L(+)-TARTARIC ACID'
5 non-polymer "[CYTIDINE-5'-PHOSPHATE] GLYCERYLPHOSPHORIC ACID ESTER"
#
_entity_poly.entity_id   1
_entity_poly.type   'polypeptide(L)'
_entity_poly.pdbx_seq_one_letter_code
;MHHHHHHHHHHSSGVDLGTENLYFQSNAMRLAYVKNHEIYGEKLLGLTLRERIEKTLQRAGFDVRFFDELSLEEAEDYLI
ILEPVLILERDLLLEGRKILVSDGFTVGYFFGGDFRTVFDGNLQSSIEKYLSLNNLESYEIWAIKLSNDNLKTAEKLLLS
SLIKAKRTGLKPAYYDGWIAREINRKVSLRISRLLADTSVTPNQITVFSFFLSLVGSALFLLNSYLTTLLAGVIIQLHSI
IDGCDGEIARLKFMESKYGAWLDGVLDRYSDFIIVFSITYVLSASNPVYWIIGFLAAFASLMIAYTGDKFVAAYMRTYSP
EGFAIPITRDFRLLIIFACSVVNLPSLALVIIALLGNFEALRRIVALRSYTN
;
_entity_poly.pdbx_strand_id   A,B
#
loop_
_chem_comp.id
_chem_comp.type
_chem_comp.name
_chem_comp.formula
C2G non-polymer '[CYTIDINE-5'-PHOSPHATE] GLYCERYLPHOSPHORIC ACID ESTER' 'C12 H21 N3 O13 P2'
CA non-polymer 'CALCIUM ION' 'Ca 2'
MPG non-polymer '[(Z)-octadec-9-enyl] (2R)-2,3-bis(oxidanyl)propanoate' 'C21 H40 O4'
TLA non-polymer 'L(+)-TARTARIC ACID' 'C4 H6 O6'
#
# COMPACT_ATOMS: atom_id res chain seq x y z
N MET A 29 -19.63 -5.80 -20.61
CA MET A 29 -19.58 -7.25 -20.51
C MET A 29 -18.82 -7.87 -21.68
N ARG A 30 -17.91 -8.79 -21.37
CA ARG A 30 -17.15 -9.50 -22.40
C ARG A 30 -17.34 -11.01 -22.32
N LEU A 31 -17.54 -11.64 -23.45
CA LEU A 31 -17.80 -13.06 -23.52
C LEU A 31 -16.61 -13.83 -24.07
N ALA A 32 -16.23 -14.90 -23.38
CA ALA A 32 -15.17 -15.77 -23.84
C ALA A 32 -15.74 -17.11 -24.27
N TYR A 33 -15.72 -17.37 -25.58
CA TYR A 33 -16.25 -18.64 -26.08
C TYR A 33 -15.15 -19.67 -26.22
N VAL A 34 -15.25 -20.74 -25.43
CA VAL A 34 -14.25 -21.79 -25.44
C VAL A 34 -14.87 -23.12 -25.86
N LYS A 35 -14.42 -23.67 -26.98
CA LYS A 35 -14.96 -24.94 -27.45
C LYS A 35 -14.54 -26.08 -26.53
N ASN A 36 -15.50 -26.92 -26.19
CA ASN A 36 -15.25 -28.07 -25.33
C ASN A 36 -14.28 -29.07 -25.96
N HIS A 37 -13.48 -29.70 -25.10
CA HIS A 37 -12.59 -30.79 -25.50
C HIS A 37 -12.52 -31.78 -24.37
N GLU A 38 -12.37 -33.07 -24.70
CA GLU A 38 -12.35 -34.11 -23.69
C GLU A 38 -11.19 -33.93 -22.72
N ILE A 39 -10.13 -33.27 -23.19
CA ILE A 39 -8.91 -33.11 -22.41
C ILE A 39 -9.10 -32.11 -21.25
N TYR A 40 -10.09 -31.23 -21.37
CA TYR A 40 -10.41 -30.27 -20.32
C TYR A 40 -10.90 -30.93 -19.04
N GLY A 41 -11.32 -32.19 -19.15
CA GLY A 41 -11.82 -32.92 -18.01
C GLY A 41 -10.75 -33.47 -17.10
N GLU A 42 -9.52 -33.49 -17.61
CA GLU A 42 -8.40 -33.99 -16.82
C GLU A 42 -7.98 -32.97 -15.77
N LYS A 43 -7.61 -33.45 -14.59
CA LYS A 43 -7.19 -32.55 -13.52
C LYS A 43 -5.69 -32.32 -13.55
N LEU A 44 -5.29 -31.06 -13.45
CA LEU A 44 -3.87 -30.71 -13.34
C LEU A 44 -3.63 -29.88 -12.08
N LEU A 45 -2.91 -30.48 -11.13
CA LEU A 45 -2.54 -29.82 -9.88
C LEU A 45 -3.75 -29.28 -9.12
N GLY A 46 -4.72 -30.15 -8.84
CA GLY A 46 -5.83 -29.81 -7.97
C GLY A 46 -7.12 -29.39 -8.64
N LEU A 47 -7.01 -28.84 -9.85
CA LEU A 47 -8.18 -28.37 -10.58
C LEU A 47 -8.24 -28.99 -11.96
N THR A 48 -9.44 -29.18 -12.49
CA THR A 48 -9.58 -29.63 -13.87
C THR A 48 -9.09 -28.51 -14.76
N LEU A 49 -8.57 -28.87 -15.93
CA LEU A 49 -8.08 -27.87 -16.87
C LEU A 49 -9.21 -26.96 -17.33
N ARG A 50 -10.43 -27.47 -17.26
CA ARG A 50 -11.60 -26.69 -17.62
C ARG A 50 -11.79 -25.57 -16.60
N GLU A 51 -11.71 -25.91 -15.32
CA GLU A 51 -11.83 -24.91 -14.25
C GLU A 51 -10.68 -23.90 -14.30
N ARG A 52 -9.51 -24.37 -14.73
CA ARG A 52 -8.35 -23.50 -14.80
C ARG A 52 -8.52 -22.43 -15.87
N ILE A 53 -8.92 -22.82 -17.07
CA ILE A 53 -9.13 -21.85 -18.14
C ILE A 53 -10.32 -20.96 -17.82
N GLU A 54 -11.32 -21.54 -17.17
CA GLU A 54 -12.51 -20.78 -16.77
C GLU A 54 -12.12 -19.70 -15.78
N LYS A 55 -11.37 -20.08 -14.76
CA LYS A 55 -10.96 -19.15 -13.71
C LYS A 55 -9.96 -18.11 -14.22
N THR A 56 -9.03 -18.52 -15.07
CA THR A 56 -8.05 -17.61 -15.65
C THR A 56 -8.71 -16.49 -16.46
N LEU A 57 -9.70 -16.86 -17.29
CA LEU A 57 -10.38 -15.90 -18.15
C LEU A 57 -11.29 -14.99 -17.35
N GLN A 58 -11.89 -15.52 -16.30
CA GLN A 58 -12.72 -14.73 -15.41
C GLN A 58 -11.90 -13.65 -14.70
N ARG A 59 -10.68 -14.01 -14.30
CA ARG A 59 -9.73 -13.05 -13.72
C ARG A 59 -9.55 -11.85 -14.64
N ALA A 60 -9.55 -12.11 -15.94
CA ALA A 60 -9.33 -11.07 -16.95
C ALA A 60 -10.60 -10.27 -17.25
N GLY A 61 -11.70 -10.63 -16.60
CA GLY A 61 -12.94 -9.87 -16.74
C GLY A 61 -13.83 -10.34 -17.87
N PHE A 62 -13.75 -11.63 -18.18
CA PHE A 62 -14.57 -12.23 -19.23
C PHE A 62 -15.59 -13.21 -18.66
N ASP A 63 -16.82 -13.14 -19.16
CA ASP A 63 -17.83 -14.17 -18.88
C ASP A 63 -17.59 -15.36 -19.80
N VAL A 64 -17.52 -16.55 -19.22
CA VAL A 64 -17.09 -17.73 -19.97
C VAL A 64 -18.26 -18.57 -20.47
N ARG A 65 -18.18 -18.99 -21.74
CA ARG A 65 -19.19 -19.84 -22.34
C ARG A 65 -18.52 -21.00 -23.07
N PHE A 66 -18.69 -22.21 -22.54
CA PHE A 66 -18.21 -23.41 -23.23
C PHE A 66 -19.25 -23.87 -24.25
N PHE A 67 -18.77 -24.37 -25.40
CA PHE A 67 -19.66 -24.70 -26.50
C PHE A 67 -19.17 -25.84 -27.37
N ASP A 68 -20.11 -26.52 -28.04
CA ASP A 68 -19.78 -27.41 -29.14
C ASP A 68 -20.09 -26.69 -30.44
N GLU A 69 -21.34 -26.27 -30.59
CA GLU A 69 -21.72 -25.36 -31.68
C GLU A 69 -21.94 -23.98 -31.08
N LEU A 70 -21.48 -22.94 -31.76
CA LEU A 70 -21.47 -21.61 -31.18
C LEU A 70 -22.72 -20.80 -31.53
N SER A 71 -23.44 -20.37 -30.50
CA SER A 71 -24.52 -19.42 -30.65
C SER A 71 -24.12 -18.11 -29.99
N LEU A 72 -24.17 -17.01 -30.75
CA LEU A 72 -23.57 -15.77 -30.30
C LEU A 72 -24.53 -14.89 -29.49
N GLU A 73 -24.07 -14.48 -28.32
CA GLU A 73 -24.82 -13.57 -27.46
C GLU A 73 -24.25 -12.17 -27.59
N GLU A 74 -25.02 -11.16 -27.21
CA GLU A 74 -24.55 -9.79 -27.33
C GLU A 74 -23.57 -9.45 -26.21
N ALA A 75 -22.50 -8.76 -26.56
CA ALA A 75 -21.49 -8.34 -25.59
C ALA A 75 -20.58 -7.29 -26.21
N GLU A 76 -19.83 -6.58 -25.36
CA GLU A 76 -18.91 -5.55 -25.83
C GLU A 76 -17.74 -6.16 -26.60
N ASP A 77 -17.25 -7.31 -26.13
CA ASP A 77 -16.10 -7.97 -26.73
C ASP A 77 -16.26 -9.49 -26.78
N TYR A 78 -15.49 -10.14 -27.66
CA TYR A 78 -15.54 -11.59 -27.80
C TYR A 78 -14.16 -12.23 -27.82
N LEU A 79 -13.99 -13.29 -27.04
CA LEU A 79 -12.79 -14.10 -27.09
C LEU A 79 -13.14 -15.50 -27.55
N ILE A 80 -12.44 -15.97 -28.59
CA ILE A 80 -12.73 -17.29 -29.16
C ILE A 80 -11.51 -18.19 -29.04
N ILE A 81 -11.69 -19.32 -28.39
CA ILE A 81 -10.62 -20.30 -28.21
C ILE A 81 -11.05 -21.66 -28.73
N LEU A 82 -10.42 -22.10 -29.82
CA LEU A 82 -10.84 -23.33 -30.49
C LEU A 82 -10.03 -24.53 -30.02
N GLU A 83 -8.72 -24.33 -29.88
CA GLU A 83 -7.84 -25.40 -29.45
C GLU A 83 -7.64 -25.39 -27.94
N PRO A 84 -7.57 -26.58 -27.32
CA PRO A 84 -7.38 -26.69 -25.88
C PRO A 84 -6.03 -26.15 -25.45
N VAL A 85 -6.02 -25.26 -24.47
CA VAL A 85 -4.81 -24.58 -24.07
C VAL A 85 -4.79 -24.31 -22.56
N LEU A 86 -3.60 -24.34 -21.96
CA LEU A 86 -3.44 -23.93 -20.57
C LEU A 86 -2.78 -22.56 -20.51
N ILE A 87 -3.50 -21.56 -20.03
CA ILE A 87 -2.96 -20.21 -19.96
C ILE A 87 -2.11 -20.06 -18.71
N LEU A 88 -0.88 -19.63 -18.91
CA LEU A 88 0.09 -19.52 -17.83
C LEU A 88 0.26 -18.07 -17.40
N GLU A 89 -0.06 -17.14 -18.30
CA GLU A 89 0.04 -15.73 -17.99
C GLU A 89 -0.87 -15.36 -16.84
N ARG A 90 -0.40 -14.45 -15.99
CA ARG A 90 -1.01 -14.17 -14.71
C ARG A 90 -1.89 -12.92 -14.73
N ASP A 91 -1.40 -11.86 -15.37
CA ASP A 91 -2.13 -10.62 -15.45
C ASP A 91 -2.49 -10.28 -16.89
N LEU A 92 -3.25 -11.16 -17.53
CA LEU A 92 -3.65 -10.98 -18.92
C LEU A 92 -4.48 -9.73 -19.12
N LEU A 93 -4.12 -8.93 -20.13
CA LEU A 93 -4.89 -7.75 -20.49
C LEU A 93 -5.15 -7.73 -22.00
N LEU A 94 -6.42 -7.59 -22.38
CA LEU A 94 -6.79 -7.57 -23.78
C LEU A 94 -7.58 -6.30 -24.15
N GLU A 95 -6.85 -5.30 -24.63
CA GLU A 95 -7.46 -4.04 -25.05
C GLU A 95 -7.14 -3.80 -26.51
N GLY A 96 -8.19 -3.82 -27.34
CA GLY A 96 -8.00 -3.69 -28.77
C GLY A 96 -7.93 -5.06 -29.42
N ARG A 97 -8.52 -5.16 -30.61
CA ARG A 97 -8.62 -6.41 -31.34
C ARG A 97 -7.27 -6.98 -31.76
N LYS A 98 -7.04 -8.24 -31.41
CA LYS A 98 -5.74 -8.91 -31.63
C LYS A 98 -5.91 -10.42 -31.81
N ILE A 99 -4.85 -11.07 -32.29
CA ILE A 99 -4.78 -12.52 -32.30
C ILE A 99 -3.81 -13.04 -31.23
N LEU A 100 -4.28 -13.98 -30.41
CA LEU A 100 -3.48 -14.52 -29.33
C LEU A 100 -2.58 -15.66 -29.80
N VAL A 101 -1.28 -15.53 -29.55
CA VAL A 101 -0.31 -16.50 -30.07
C VAL A 101 0.67 -17.02 -29.01
N SER A 102 1.03 -18.30 -29.12
CA SER A 102 2.05 -18.89 -28.26
C SER A 102 3.09 -19.63 -29.08
N ASP A 103 4.29 -19.05 -29.17
CA ASP A 103 5.39 -19.61 -29.95
C ASP A 103 4.97 -19.89 -31.40
N GLY A 104 4.39 -18.88 -32.05
CA GLY A 104 3.99 -18.99 -33.44
C GLY A 104 2.63 -19.64 -33.64
N PHE A 105 2.14 -20.31 -32.62
CA PHE A 105 0.86 -21.00 -32.72
C PHE A 105 -0.28 -20.12 -32.21
N THR A 106 -1.37 -20.08 -32.97
CA THR A 106 -2.56 -19.32 -32.61
C THR A 106 -3.28 -19.99 -31.46
N VAL A 107 -3.48 -19.24 -30.38
CA VAL A 107 -4.17 -19.78 -29.21
C VAL A 107 -5.66 -19.48 -29.30
N GLY A 108 -5.99 -18.24 -29.66
CA GLY A 108 -7.37 -17.82 -29.76
C GLY A 108 -7.51 -16.48 -30.48
N TYR A 109 -8.76 -16.11 -30.75
CA TYR A 109 -9.04 -14.87 -31.46
C TYR A 109 -9.75 -13.88 -30.55
N PHE A 110 -9.27 -12.63 -30.54
CA PHE A 110 -9.91 -11.59 -29.76
C PHE A 110 -10.58 -10.59 -30.69
N PHE A 111 -11.89 -10.73 -30.86
CA PHE A 111 -12.65 -9.89 -31.79
C PHE A 111 -13.44 -8.81 -31.06
N GLY A 112 -13.79 -7.75 -31.78
CA GLY A 112 -14.65 -6.71 -31.25
C GLY A 112 -16.12 -7.10 -31.35
N GLY A 113 -16.99 -6.28 -30.76
CA GLY A 113 -18.42 -6.53 -30.78
C GLY A 113 -19.02 -6.56 -32.17
N ASP A 114 -18.33 -5.91 -33.12
CA ASP A 114 -18.79 -5.85 -34.50
C ASP A 114 -18.72 -7.21 -35.19
N PHE A 115 -18.14 -8.19 -34.50
CA PHE A 115 -18.14 -9.58 -34.99
C PHE A 115 -19.56 -10.11 -35.13
N ARG A 116 -20.49 -9.51 -34.39
CA ARG A 116 -21.90 -9.86 -34.48
C ARG A 116 -22.44 -9.59 -35.89
N THR A 117 -21.90 -8.57 -36.55
CA THR A 117 -22.39 -8.18 -37.87
C THR A 117 -21.92 -9.10 -38.99
N VAL A 118 -21.11 -10.11 -38.65
CA VAL A 118 -20.56 -11.02 -39.66
C VAL A 118 -20.94 -12.48 -39.39
N PHE A 119 -21.18 -12.82 -38.13
CA PHE A 119 -21.44 -14.20 -37.73
C PHE A 119 -22.70 -14.78 -38.38
N ASP A 120 -22.58 -15.97 -38.96
CA ASP A 120 -23.67 -16.57 -39.72
C ASP A 120 -24.11 -17.96 -39.24
N GLY A 121 -23.72 -18.33 -38.03
CA GLY A 121 -24.14 -19.60 -37.47
C GLY A 121 -23.22 -20.79 -37.70
N ASN A 122 -22.26 -20.64 -38.61
CA ASN A 122 -21.23 -21.65 -38.81
C ASN A 122 -19.90 -21.04 -38.39
N LEU A 123 -19.27 -21.63 -37.37
CA LEU A 123 -18.14 -20.99 -36.71
C LEU A 123 -16.91 -20.74 -37.59
N GLN A 124 -16.32 -21.80 -38.14
CA GLN A 124 -15.09 -21.65 -38.94
C GLN A 124 -15.29 -20.73 -40.14
N SER A 125 -16.41 -20.89 -40.86
CA SER A 125 -16.73 -20.05 -42.00
C SER A 125 -16.87 -18.58 -41.60
N SER A 126 -17.56 -18.33 -40.49
CA SER A 126 -17.75 -16.96 -40.01
C SER A 126 -16.41 -16.35 -39.60
N ILE A 127 -15.57 -17.16 -38.97
CA ILE A 127 -14.23 -16.72 -38.59
C ILE A 127 -13.40 -16.44 -39.84
N GLU A 128 -13.48 -17.36 -40.80
CA GLU A 128 -12.77 -17.23 -42.06
C GLU A 128 -13.11 -15.93 -42.79
N LYS A 129 -14.41 -15.68 -42.91
CA LYS A 129 -14.90 -14.48 -43.59
C LYS A 129 -14.50 -13.24 -42.80
N TYR A 130 -14.65 -13.31 -41.49
CA TYR A 130 -14.31 -12.19 -40.61
C TYR A 130 -12.83 -11.85 -40.68
N LEU A 131 -11.98 -12.88 -40.72
CA LEU A 131 -10.54 -12.69 -40.82
C LEU A 131 -10.12 -12.15 -42.19
N SER A 132 -10.88 -12.47 -43.23
CA SER A 132 -10.57 -12.04 -44.59
C SER A 132 -10.79 -10.53 -44.76
N LEU A 133 -11.80 -10.00 -44.08
CA LEU A 133 -12.11 -8.57 -44.14
C LEU A 133 -11.25 -7.78 -43.16
N ASN A 134 -10.44 -8.48 -42.37
CA ASN A 134 -9.57 -7.83 -41.39
C ASN A 134 -8.09 -8.09 -41.66
N ASN A 135 -7.23 -7.36 -40.95
CA ASN A 135 -5.79 -7.58 -41.04
C ASN A 135 -5.22 -7.49 -39.62
N LEU A 136 -5.50 -8.53 -38.84
CA LEU A 136 -5.27 -8.53 -37.40
C LEU A 136 -3.80 -8.61 -36.97
N GLU A 137 -3.42 -7.78 -36.00
CA GLU A 137 -2.10 -7.86 -35.39
C GLU A 137 -2.02 -9.03 -34.41
N SER A 138 -0.85 -9.66 -34.32
CA SER A 138 -0.63 -10.76 -33.39
C SER A 138 -0.23 -10.27 -31.99
N TYR A 139 -0.55 -11.06 -30.98
CA TYR A 139 -0.25 -10.71 -29.60
C TYR A 139 0.22 -11.94 -28.82
N GLU A 140 1.45 -11.90 -28.34
CA GLU A 140 2.05 -13.07 -27.66
C GLU A 140 1.60 -13.18 -26.20
N ILE A 141 1.12 -14.37 -25.84
CA ILE A 141 0.78 -14.66 -24.44
C ILE A 141 1.40 -15.98 -24.02
N TRP A 142 1.71 -16.08 -22.73
CA TRP A 142 2.28 -17.31 -22.19
C TRP A 142 1.20 -18.37 -21.97
N ALA A 143 1.23 -19.40 -22.81
CA ALA A 143 0.28 -20.50 -22.74
C ALA A 143 0.84 -21.72 -23.44
N ILE A 144 0.33 -22.89 -23.10
CA ILE A 144 0.77 -24.12 -23.76
C ILE A 144 -0.41 -24.92 -24.31
N LYS A 145 -0.36 -25.23 -25.60
CA LYS A 145 -1.40 -26.04 -26.23
C LYS A 145 -1.37 -27.46 -25.69
N LEU A 146 -2.54 -27.97 -25.30
CA LEU A 146 -2.61 -29.22 -24.56
C LEU A 146 -2.80 -30.45 -25.43
N SER A 147 -2.04 -31.50 -25.12
CA SER A 147 -2.16 -32.80 -25.76
C SER A 147 -2.13 -33.89 -24.70
N ASN A 148 -2.42 -35.13 -25.10
CA ASN A 148 -2.41 -36.24 -24.16
C ASN A 148 -0.99 -36.64 -23.75
N ASP A 149 0.01 -36.06 -24.42
CA ASP A 149 1.40 -36.39 -24.16
C ASP A 149 2.14 -35.34 -23.33
N ASN A 150 1.80 -34.07 -23.53
CA ASN A 150 2.55 -32.99 -22.93
C ASN A 150 1.96 -32.46 -21.63
N LEU A 151 1.17 -33.28 -20.94
CA LEU A 151 0.54 -32.86 -19.70
C LEU A 151 1.58 -32.72 -18.58
N LYS A 152 2.62 -33.53 -18.65
CA LYS A 152 3.73 -33.41 -17.71
C LYS A 152 4.47 -32.11 -17.95
N THR A 153 4.60 -31.74 -19.23
CA THR A 153 5.23 -30.49 -19.60
C THR A 153 4.40 -29.30 -19.15
N ALA A 154 3.08 -29.46 -19.20
CA ALA A 154 2.15 -28.43 -18.74
C ALA A 154 2.22 -28.23 -17.23
N GLU A 155 2.39 -29.31 -16.48
CA GLU A 155 2.49 -29.21 -15.03
C GLU A 155 3.73 -28.45 -14.59
N LYS A 156 4.87 -28.81 -15.18
CA LYS A 156 6.13 -28.14 -14.85
C LYS A 156 6.06 -26.67 -15.22
N LEU A 157 5.46 -26.38 -16.37
CA LEU A 157 5.30 -25.00 -16.82
C LEU A 157 4.32 -24.23 -15.95
N LEU A 158 3.28 -24.91 -15.51
CA LEU A 158 2.31 -24.29 -14.63
C LEU A 158 2.94 -23.98 -13.28
N LEU A 159 3.74 -24.93 -12.78
CA LEU A 159 4.43 -24.76 -11.51
C LEU A 159 5.42 -23.61 -11.59
N SER A 160 6.15 -23.52 -12.70
CA SER A 160 7.13 -22.47 -12.89
C SER A 160 6.48 -21.10 -13.03
N SER A 161 5.18 -21.09 -13.34
CA SER A 161 4.45 -19.84 -13.47
C SER A 161 4.10 -19.24 -12.11
N LEU A 162 4.35 -20.01 -11.05
CA LEU A 162 4.01 -19.56 -9.70
C LEU A 162 5.10 -18.71 -9.03
N ILE A 163 6.32 -18.76 -9.55
CA ILE A 163 7.42 -18.01 -8.95
C ILE A 163 7.48 -16.58 -9.47
N TYR A 175 9.58 -11.06 -7.67
CA TYR A 175 10.20 -10.21 -6.64
C TYR A 175 11.07 -11.03 -5.70
N ASP A 176 11.34 -12.27 -6.07
CA ASP A 176 12.19 -13.16 -5.28
C ASP A 176 13.65 -12.71 -5.29
N GLY A 177 14.30 -12.81 -4.13
CA GLY A 177 15.73 -12.57 -4.02
C GLY A 177 16.47 -13.73 -4.68
N TRP A 178 17.79 -13.64 -4.78
CA TRP A 178 18.53 -14.68 -5.46
C TRP A 178 18.45 -16.02 -4.73
N ILE A 179 18.56 -15.99 -3.40
CA ILE A 179 18.45 -17.19 -2.59
C ILE A 179 17.05 -17.80 -2.73
N ALA A 180 16.03 -16.95 -2.68
CA ALA A 180 14.66 -17.40 -2.83
C ALA A 180 14.44 -18.08 -4.18
N ARG A 181 14.83 -17.37 -5.24
CA ARG A 181 14.59 -17.83 -6.60
C ARG A 181 15.37 -19.08 -6.98
N GLU A 182 16.65 -19.10 -6.63
CA GLU A 182 17.53 -20.14 -7.13
C GLU A 182 17.68 -21.33 -6.17
N ILE A 183 17.25 -21.17 -4.93
CA ILE A 183 17.33 -22.26 -3.96
C ILE A 183 15.98 -22.66 -3.40
N ASN A 184 15.32 -21.73 -2.72
CA ASN A 184 14.09 -22.06 -1.99
C ASN A 184 12.95 -22.50 -2.90
N ARG A 185 12.79 -21.82 -4.02
CA ARG A 185 11.70 -22.12 -4.95
C ARG A 185 11.83 -23.54 -5.48
N LYS A 186 13.06 -23.99 -5.70
CA LYS A 186 13.32 -25.34 -6.21
C LYS A 186 12.72 -26.40 -5.29
N VAL A 187 12.77 -26.16 -3.99
CA VAL A 187 12.23 -27.10 -3.02
C VAL A 187 10.75 -26.85 -2.77
N SER A 188 10.38 -25.58 -2.59
CA SER A 188 9.01 -25.22 -2.23
C SER A 188 8.00 -25.59 -3.32
N LEU A 189 8.41 -25.48 -4.58
CA LEU A 189 7.55 -25.89 -5.70
C LEU A 189 7.26 -27.38 -5.66
N ARG A 190 8.28 -28.17 -5.30
CA ARG A 190 8.12 -29.61 -5.23
C ARG A 190 7.16 -29.99 -4.11
N ILE A 191 7.14 -29.19 -3.06
CA ILE A 191 6.23 -29.40 -1.94
C ILE A 191 4.81 -28.99 -2.28
N SER A 192 4.68 -27.84 -2.94
CA SER A 192 3.37 -27.31 -3.31
C SER A 192 2.66 -28.24 -4.29
N ARG A 193 3.47 -28.88 -5.14
CA ARG A 193 2.97 -29.88 -6.08
C ARG A 193 2.22 -30.98 -5.35
N LEU A 194 2.77 -31.38 -4.21
CA LEU A 194 2.16 -32.42 -3.39
C LEU A 194 0.98 -31.86 -2.60
N LEU A 195 1.09 -30.60 -2.20
CA LEU A 195 0.02 -29.96 -1.44
C LEU A 195 -1.17 -29.62 -2.32
N ALA A 196 -0.94 -29.53 -3.63
CA ALA A 196 -2.00 -29.19 -4.59
C ALA A 196 -3.14 -30.20 -4.56
N ASP A 197 -2.82 -31.45 -4.28
CA ASP A 197 -3.80 -32.54 -4.30
C ASP A 197 -4.62 -32.60 -3.03
N THR A 198 -4.39 -31.66 -2.12
CA THR A 198 -5.09 -31.68 -0.84
C THR A 198 -6.05 -30.51 -0.71
N SER A 199 -6.75 -30.46 0.42
CA SER A 199 -7.72 -29.41 0.67
C SER A 199 -7.08 -28.28 1.46
N VAL A 200 -5.75 -28.33 1.56
CA VAL A 200 -5.00 -27.34 2.33
C VAL A 200 -5.12 -25.95 1.70
N THR A 201 -5.42 -24.96 2.53
CA THR A 201 -5.59 -23.60 2.07
C THR A 201 -4.31 -22.79 2.30
N PRO A 202 -4.11 -21.71 1.53
CA PRO A 202 -2.94 -20.84 1.69
C PRO A 202 -2.79 -20.35 3.13
N ASN A 203 -3.90 -19.98 3.76
CA ASN A 203 -3.87 -19.48 5.12
C ASN A 203 -3.37 -20.51 6.11
N GLN A 204 -3.76 -21.77 5.89
CA GLN A 204 -3.31 -22.87 6.73
C GLN A 204 -1.80 -23.06 6.64
N ILE A 205 -1.25 -22.89 5.44
CA ILE A 205 0.19 -23.01 5.25
C ILE A 205 0.92 -21.85 5.94
N THR A 206 0.34 -20.65 5.85
CA THR A 206 0.93 -19.48 6.46
C THR A 206 1.08 -19.61 7.99
N VAL A 207 -0.01 -20.02 8.64
CA VAL A 207 0.01 -20.24 10.09
C VAL A 207 0.98 -21.36 10.45
N PHE A 208 0.96 -22.44 9.68
CA PHE A 208 1.85 -23.57 9.90
C PHE A 208 3.31 -23.19 9.71
N SER A 209 3.58 -22.38 8.68
CA SER A 209 4.92 -21.88 8.44
C SER A 209 5.36 -21.04 9.63
N PHE A 210 4.46 -20.23 10.14
CA PHE A 210 4.71 -19.40 11.31
C PHE A 210 5.06 -20.29 12.51
N PHE A 211 4.33 -21.39 12.65
CA PHE A 211 4.56 -22.33 13.75
C PHE A 211 5.96 -22.95 13.69
N LEU A 212 6.45 -23.20 12.49
CA LEU A 212 7.81 -23.74 12.32
C LEU A 212 8.85 -22.76 12.82
N SER A 213 8.64 -21.47 12.54
CA SER A 213 9.57 -20.45 13.01
C SER A 213 9.60 -20.42 14.54
N LEU A 214 8.46 -20.72 15.17
CA LEU A 214 8.40 -20.82 16.63
C LEU A 214 9.15 -22.02 17.17
N VAL A 215 9.06 -23.14 16.46
CA VAL A 215 9.80 -24.34 16.84
C VAL A 215 11.31 -24.07 16.78
N GLY A 216 11.73 -23.38 15.73
CA GLY A 216 13.12 -22.99 15.59
C GLY A 216 13.57 -22.07 16.71
N SER A 217 12.75 -21.08 17.02
CA SER A 217 13.06 -20.14 18.10
C SER A 217 13.13 -20.87 19.43
N ALA A 218 12.24 -21.83 19.63
CA ALA A 218 12.22 -22.63 20.85
C ALA A 218 13.49 -23.47 20.96
N LEU A 219 13.94 -23.99 19.83
CA LEU A 219 15.16 -24.81 19.80
C LEU A 219 16.37 -23.95 20.14
N PHE A 220 16.32 -22.68 19.76
CA PHE A 220 17.38 -21.73 20.11
C PHE A 220 17.46 -21.52 21.62
N LEU A 221 16.33 -21.54 22.30
CA LEU A 221 16.27 -21.26 23.73
C LEU A 221 16.92 -22.36 24.57
N LEU A 222 17.08 -23.55 23.99
CA LEU A 222 17.60 -24.69 24.72
C LEU A 222 19.11 -24.59 24.94
N ASN A 223 19.74 -23.67 24.21
CA ASN A 223 21.16 -23.34 24.39
C ASN A 223 22.10 -24.54 24.31
N SER A 224 22.18 -25.14 23.13
CA SER A 224 23.16 -26.19 22.85
C SER A 224 23.40 -26.25 21.35
N TYR A 225 24.58 -26.70 20.95
CA TYR A 225 24.94 -26.73 19.54
C TYR A 225 23.96 -27.57 18.74
N LEU A 226 23.61 -28.74 19.26
CA LEU A 226 22.67 -29.62 18.60
C LEU A 226 21.34 -28.91 18.34
N THR A 227 20.79 -28.29 19.38
CA THR A 227 19.53 -27.59 19.25
C THR A 227 19.69 -26.31 18.40
N THR A 228 20.87 -25.70 18.47
CA THR A 228 21.17 -24.54 17.65
C THR A 228 21.23 -24.95 16.18
N LEU A 229 21.81 -26.10 15.92
CA LEU A 229 21.86 -26.65 14.57
C LEU A 229 20.47 -27.01 14.06
N LEU A 230 19.70 -27.67 14.91
CA LEU A 230 18.33 -28.02 14.56
C LEU A 230 17.53 -26.75 14.34
N ALA A 231 17.83 -25.72 15.12
CA ALA A 231 17.14 -24.45 14.98
C ALA A 231 17.33 -23.89 13.59
N GLY A 232 18.60 -23.76 13.17
CA GLY A 232 18.94 -23.20 11.88
C GLY A 232 18.28 -23.94 10.73
N VAL A 233 18.31 -25.27 10.79
CA VAL A 233 17.73 -26.10 9.72
C VAL A 233 16.24 -25.81 9.56
N ILE A 234 15.53 -25.74 10.67
CA ILE A 234 14.09 -25.51 10.65
C ILE A 234 13.77 -24.07 10.24
N ILE A 235 14.65 -23.13 10.60
CA ILE A 235 14.50 -21.74 10.17
C ILE A 235 14.63 -21.65 8.65
N GLN A 236 15.57 -22.40 8.09
CA GLN A 236 15.76 -22.41 6.65
C GLN A 236 14.59 -23.11 5.97
N LEU A 237 14.12 -24.17 6.61
CA LEU A 237 12.92 -24.88 6.14
C LEU A 237 11.71 -23.94 6.14
N HIS A 238 11.61 -23.14 7.19
CA HIS A 238 10.58 -22.13 7.33
C HIS A 238 10.67 -21.12 6.19
N SER A 239 11.90 -20.75 5.84
CA SER A 239 12.16 -19.84 4.72
C SER A 239 11.64 -20.42 3.40
N ILE A 240 11.85 -21.71 3.22
CA ILE A 240 11.42 -22.42 2.02
C ILE A 240 9.90 -22.55 1.96
N ILE A 241 9.32 -23.02 3.06
CA ILE A 241 7.90 -23.27 3.14
C ILE A 241 7.08 -21.98 3.07
N ASP A 242 7.68 -20.85 3.45
CA ASP A 242 6.96 -19.59 3.38
C ASP A 242 6.69 -19.17 1.94
N GLY A 243 7.21 -19.95 0.99
CA GLY A 243 6.92 -19.72 -0.42
C GLY A 243 5.74 -20.53 -0.87
N CYS A 244 5.41 -21.57 -0.11
CA CYS A 244 4.33 -22.49 -0.48
C CYS A 244 2.96 -21.85 -0.33
N ASP A 245 2.80 -20.98 0.66
CA ASP A 245 1.52 -20.33 0.87
C ASP A 245 1.15 -19.51 -0.37
N GLY A 246 2.12 -18.80 -0.93
CA GLY A 246 1.93 -18.02 -2.13
C GLY A 246 1.79 -18.88 -3.38
N GLU A 247 2.57 -19.94 -3.44
CA GLU A 247 2.53 -20.86 -4.57
C GLU A 247 1.15 -21.52 -4.67
N ILE A 248 0.68 -22.04 -3.54
CA ILE A 248 -0.64 -22.69 -3.50
C ILE A 248 -1.76 -21.68 -3.78
N ALA A 249 -1.58 -20.45 -3.30
CA ALA A 249 -2.56 -19.40 -3.53
C ALA A 249 -2.77 -19.14 -5.02
N ARG A 250 -1.67 -18.98 -5.74
CA ARG A 250 -1.74 -18.71 -7.18
C ARG A 250 -2.11 -19.97 -7.97
N LEU A 251 -1.62 -21.12 -7.51
CA LEU A 251 -1.86 -22.38 -8.20
C LEU A 251 -3.34 -22.79 -8.19
N LYS A 252 -4.03 -22.48 -7.10
CA LYS A 252 -5.40 -22.93 -6.92
C LYS A 252 -6.37 -21.76 -6.90
N PHE A 253 -5.90 -20.60 -7.38
CA PHE A 253 -6.72 -19.39 -7.48
C PHE A 253 -7.36 -19.03 -6.14
N MET A 254 -6.60 -19.19 -5.05
CA MET A 254 -7.11 -18.88 -3.72
C MET A 254 -6.41 -17.69 -3.09
N GLU A 255 -5.97 -16.76 -3.92
CA GLU A 255 -5.37 -15.54 -3.44
C GLU A 255 -6.42 -14.68 -2.73
N SER A 256 -6.00 -13.94 -1.71
CA SER A 256 -6.92 -13.09 -0.97
C SER A 256 -6.18 -11.90 -0.38
N LYS A 257 -6.91 -10.82 -0.11
CA LYS A 257 -6.29 -9.64 0.49
C LYS A 257 -5.82 -9.94 1.91
N TYR A 258 -6.63 -10.63 2.69
CA TYR A 258 -6.23 -11.01 4.04
C TYR A 258 -5.04 -11.97 4.02
N GLY A 259 -5.01 -12.84 3.01
CA GLY A 259 -3.91 -13.77 2.85
C GLY A 259 -2.59 -13.06 2.71
N ALA A 260 -2.57 -12.03 1.87
CA ALA A 260 -1.37 -11.23 1.66
C ALA A 260 -0.97 -10.51 2.95
N TRP A 261 -1.96 -9.97 3.65
CA TRP A 261 -1.74 -9.25 4.89
C TRP A 261 -1.12 -10.14 5.97
N LEU A 262 -1.75 -11.29 6.20
CA LEU A 262 -1.30 -12.21 7.23
C LEU A 262 0.08 -12.80 6.91
N ASP A 263 0.31 -13.10 5.64
CA ASP A 263 1.59 -13.67 5.20
C ASP A 263 2.78 -12.79 5.60
N GLY A 264 2.63 -11.48 5.40
CA GLY A 264 3.66 -10.53 5.75
C GLY A 264 3.79 -10.28 7.24
N VAL A 265 2.65 -10.09 7.90
CA VAL A 265 2.61 -9.80 9.33
C VAL A 265 3.25 -10.92 10.15
N LEU A 266 2.89 -12.16 9.86
CA LEU A 266 3.45 -13.29 10.61
C LEU A 266 4.93 -13.45 10.32
N ASP A 267 5.37 -12.99 9.16
CA ASP A 267 6.79 -12.97 8.83
C ASP A 267 7.50 -11.93 9.70
N ARG A 268 6.79 -10.85 10.03
CA ARG A 268 7.33 -9.83 10.92
C ARG A 268 7.49 -10.40 12.32
N TYR A 269 6.48 -11.13 12.77
CA TYR A 269 6.53 -11.81 14.06
C TYR A 269 7.64 -12.86 14.11
N SER A 270 7.76 -13.64 13.04
CA SER A 270 8.78 -14.67 12.98
C SER A 270 10.18 -14.08 13.08
N ASP A 271 10.46 -13.06 12.27
CA ASP A 271 11.77 -12.40 12.28
C ASP A 271 12.11 -11.87 13.66
N PHE A 272 11.13 -11.24 14.28
CA PHE A 272 11.33 -10.67 15.60
C PHE A 272 11.59 -11.73 16.65
N ILE A 273 10.76 -12.79 16.65
CA ILE A 273 10.86 -13.84 17.66
C ILE A 273 12.14 -14.64 17.51
N ILE A 274 12.56 -14.88 16.27
CA ILE A 274 13.82 -15.57 16.02
C ILE A 274 15.00 -14.77 16.56
N VAL A 275 15.08 -13.50 16.18
CA VAL A 275 16.17 -12.65 16.63
C VAL A 275 16.14 -12.51 18.14
N PHE A 276 14.93 -12.39 18.69
CA PHE A 276 14.73 -12.23 20.13
C PHE A 276 15.24 -13.45 20.88
N SER A 277 14.94 -14.64 20.37
CA SER A 277 15.38 -15.88 21.01
C SER A 277 16.90 -16.00 21.02
N ILE A 278 17.51 -15.75 19.86
CA ILE A 278 18.96 -15.83 19.73
C ILE A 278 19.65 -14.83 20.64
N THR A 279 19.10 -13.62 20.70
CA THR A 279 19.66 -12.57 21.55
C THR A 279 19.59 -12.92 23.03
N TYR A 280 18.45 -13.48 23.46
CA TYR A 280 18.23 -13.81 24.87
C TYR A 280 19.25 -14.81 25.42
N VAL A 281 19.55 -15.84 24.64
CA VAL A 281 20.54 -16.84 25.03
C VAL A 281 21.93 -16.21 25.10
N LEU A 282 22.26 -15.42 24.08
CA LEU A 282 23.56 -14.77 23.99
C LEU A 282 23.77 -13.72 25.08
N SER A 283 22.67 -13.17 25.58
CA SER A 283 22.73 -12.12 26.60
C SER A 283 23.25 -12.67 27.94
N ALA A 284 23.11 -13.98 28.11
CA ALA A 284 23.59 -14.64 29.32
C ALA A 284 25.11 -14.58 29.39
N SER A 285 25.74 -14.61 28.22
CA SER A 285 27.20 -14.53 28.15
C SER A 285 27.66 -13.07 28.15
N ASN A 286 27.12 -12.30 27.21
CA ASN A 286 27.52 -10.89 27.08
C ASN A 286 26.31 -10.00 26.82
N PRO A 287 26.01 -9.09 27.77
CA PRO A 287 24.87 -8.17 27.68
C PRO A 287 24.94 -7.25 26.46
N VAL A 288 26.13 -7.11 25.89
CA VAL A 288 26.32 -6.28 24.70
C VAL A 288 25.46 -6.77 23.54
N TYR A 289 25.17 -8.07 23.54
CA TYR A 289 24.39 -8.68 22.47
C TYR A 289 22.95 -8.16 22.39
N TRP A 290 22.45 -7.62 23.50
CA TRP A 290 21.16 -6.93 23.50
C TRP A 290 21.15 -5.83 22.43
N ILE A 291 22.24 -5.06 22.41
CA ILE A 291 22.38 -3.95 21.46
C ILE A 291 22.38 -4.46 20.03
N ILE A 292 23.19 -5.48 19.78
CA ILE A 292 23.27 -6.09 18.44
C ILE A 292 21.94 -6.73 18.10
N GLY A 293 21.34 -7.39 19.09
CA GLY A 293 20.04 -8.01 18.95
C GLY A 293 18.98 -7.02 18.52
N PHE A 294 18.90 -5.90 19.25
CA PHE A 294 18.01 -4.81 18.92
C PHE A 294 18.17 -4.35 17.47
N LEU A 295 19.43 -4.13 17.07
CA LEU A 295 19.73 -3.59 15.75
C LEU A 295 19.37 -4.57 14.64
N ALA A 296 19.51 -5.86 14.94
CA ALA A 296 19.20 -6.90 13.98
C ALA A 296 17.70 -7.02 13.79
N ALA A 297 16.97 -7.02 14.90
CA ALA A 297 15.52 -7.13 14.87
C ALA A 297 14.93 -5.93 14.16
N PHE A 298 15.40 -4.74 14.52
CA PHE A 298 14.97 -3.51 13.88
C PHE A 298 15.21 -3.55 12.37
N ALA A 299 16.41 -3.97 11.98
CA ALA A 299 16.78 -4.06 10.57
C ALA A 299 15.86 -5.04 9.83
N SER A 300 15.65 -6.21 10.41
CA SER A 300 14.80 -7.24 9.81
C SER A 300 13.39 -6.70 9.56
N LEU A 301 12.93 -5.84 10.46
CA LEU A 301 11.62 -5.23 10.32
C LEU A 301 11.64 -4.09 9.29
N MET A 302 12.72 -3.31 9.29
CA MET A 302 12.78 -2.14 8.42
C MET A 302 12.95 -2.49 6.94
N ILE A 303 13.69 -3.56 6.65
CA ILE A 303 13.83 -4.04 5.29
C ILE A 303 12.45 -4.38 4.75
N ALA A 304 11.63 -4.95 5.62
CA ALA A 304 10.25 -5.27 5.29
C ALA A 304 9.39 -4.02 5.20
N TYR A 305 9.49 -3.16 6.21
CA TYR A 305 8.63 -1.98 6.27
C TYR A 305 8.90 -1.05 5.10
N THR A 306 10.17 -0.76 4.84
CA THR A 306 10.55 0.14 3.74
C THR A 306 10.02 -0.35 2.40
N GLY A 307 9.98 -1.65 2.21
CA GLY A 307 9.47 -2.23 0.98
C GLY A 307 7.96 -2.09 0.87
N ASP A 308 7.26 -2.46 1.93
CA ASP A 308 5.80 -2.41 1.93
C ASP A 308 5.28 -0.98 1.95
N LYS A 309 6.00 -0.09 2.62
CA LYS A 309 5.65 1.34 2.65
C LYS A 309 5.78 1.95 1.26
N PHE A 310 6.77 1.49 0.50
CA PHE A 310 6.96 1.92 -0.88
C PHE A 310 5.73 1.60 -1.71
N VAL A 311 5.24 0.37 -1.57
CA VAL A 311 4.05 -0.09 -2.26
C VAL A 311 2.84 0.74 -1.86
N ALA A 312 2.77 1.11 -0.60
CA ALA A 312 1.64 1.91 -0.12
C ALA A 312 1.68 3.32 -0.69
N ALA A 313 2.88 3.84 -0.90
CA ALA A 313 3.03 5.24 -1.31
C ALA A 313 3.09 5.41 -2.83
N TYR A 314 3.70 4.44 -3.51
CA TYR A 314 3.91 4.54 -4.95
C TYR A 314 2.92 3.67 -5.72
N MET A 315 2.27 2.75 -5.02
CA MET A 315 1.29 1.83 -5.61
C MET A 315 1.88 0.99 -6.74
N ARG A 316 3.16 0.65 -6.61
CA ARG A 316 3.80 -0.29 -7.52
C ARG A 316 4.76 -1.21 -6.75
N THR A 317 5.11 -2.34 -7.35
CA THR A 317 6.01 -3.31 -6.71
C THR A 317 7.39 -2.71 -6.49
N TYR A 318 7.93 -2.88 -5.28
CA TYR A 318 9.27 -2.39 -5.01
C TYR A 318 10.32 -3.28 -5.65
N SER A 319 11.21 -2.66 -6.41
CA SER A 319 12.27 -3.36 -7.10
C SER A 319 13.38 -2.38 -7.47
N PRO A 320 14.47 -2.38 -6.70
CA PRO A 320 15.59 -1.50 -7.01
C PRO A 320 16.23 -1.89 -8.34
N GLU A 321 16.57 -0.89 -9.16
CA GLU A 321 17.04 -1.16 -10.51
C GLU A 321 18.43 -1.80 -10.51
N GLY A 322 19.35 -1.22 -9.75
CA GLY A 322 20.73 -1.68 -9.76
C GLY A 322 21.20 -2.33 -8.48
N PHE A 323 22.28 -1.81 -7.92
CA PHE A 323 22.86 -2.35 -6.70
C PHE A 323 21.96 -2.19 -5.47
N ALA A 324 21.88 -3.24 -4.68
CA ALA A 324 21.21 -3.22 -3.38
C ALA A 324 21.85 -4.29 -2.50
N ILE A 325 22.03 -4.00 -1.21
CA ILE A 325 22.65 -4.98 -0.34
C ILE A 325 21.68 -6.15 -0.16
N PRO A 326 22.15 -7.37 -0.49
CA PRO A 326 21.32 -8.58 -0.42
C PRO A 326 21.05 -9.01 1.02
N ILE A 327 20.02 -8.45 1.62
CA ILE A 327 19.68 -8.77 3.00
C ILE A 327 18.16 -8.88 3.15
N THR A 328 17.51 -9.29 2.06
CA THR A 328 16.09 -9.62 2.08
C THR A 328 15.88 -10.89 2.91
N ARG A 329 14.63 -11.23 3.17
CA ARG A 329 14.31 -12.29 4.13
C ARG A 329 14.95 -13.64 3.80
N ASP A 330 14.97 -14.00 2.51
CA ASP A 330 15.57 -15.27 2.10
C ASP A 330 17.05 -15.30 2.46
N PHE A 331 17.72 -14.17 2.32
CA PHE A 331 19.12 -14.05 2.73
C PHE A 331 19.23 -14.09 4.25
N ARG A 332 18.39 -13.32 4.93
CA ARG A 332 18.45 -13.22 6.39
C ARG A 332 18.34 -14.57 7.07
N LEU A 333 17.41 -15.41 6.60
CA LEU A 333 17.21 -16.71 7.21
C LEU A 333 18.30 -17.70 6.82
N LEU A 334 18.84 -17.56 5.61
CA LEU A 334 19.95 -18.42 5.19
C LEU A 334 21.21 -18.10 5.97
N ILE A 335 21.43 -16.81 6.26
CA ILE A 335 22.56 -16.38 7.06
C ILE A 335 22.44 -16.97 8.46
N ILE A 336 21.24 -16.90 9.02
CA ILE A 336 20.98 -17.47 10.34
C ILE A 336 21.22 -18.98 10.32
N PHE A 337 20.75 -19.63 9.26
CA PHE A 337 20.96 -21.07 9.12
C PHE A 337 22.45 -21.42 9.08
N ALA A 338 23.18 -20.77 8.17
CA ALA A 338 24.60 -21.04 8.00
C ALA A 338 25.40 -20.80 9.29
N CYS A 339 25.12 -19.70 9.96
CA CYS A 339 25.86 -19.36 11.18
C CYS A 339 25.53 -20.32 12.31
N SER A 340 24.32 -20.88 12.27
CA SER A 340 23.85 -21.78 13.31
C SER A 340 24.53 -23.15 13.22
N VAL A 341 24.84 -23.60 12.00
CA VAL A 341 25.43 -24.93 11.82
C VAL A 341 26.88 -24.94 12.31
N VAL A 342 27.48 -23.76 12.45
CA VAL A 342 28.82 -23.66 13.01
C VAL A 342 28.77 -23.09 14.42
N ASN A 343 27.58 -23.09 15.02
CA ASN A 343 27.36 -22.65 16.39
C ASN A 343 27.76 -21.20 16.63
N LEU A 344 27.50 -20.34 15.66
CA LEU A 344 27.78 -18.93 15.79
C LEU A 344 26.58 -18.03 15.46
N PRO A 345 25.45 -18.22 16.15
CA PRO A 345 24.27 -17.40 15.83
C PRO A 345 24.50 -15.92 16.08
N SER A 346 25.49 -15.63 16.93
CA SER A 346 25.87 -14.26 17.23
C SER A 346 26.42 -13.55 16.00
N LEU A 347 27.15 -14.29 15.17
CA LEU A 347 27.71 -13.73 13.94
C LEU A 347 26.58 -13.35 12.98
N ALA A 348 25.51 -14.15 13.01
CA ALA A 348 24.33 -13.90 12.18
C ALA A 348 23.66 -12.58 12.54
N LEU A 349 23.54 -12.32 13.84
CA LEU A 349 22.98 -11.05 14.32
C LEU A 349 23.83 -9.87 13.88
N VAL A 350 25.14 -10.03 13.94
CA VAL A 350 26.07 -8.98 13.52
C VAL A 350 25.90 -8.65 12.04
N ILE A 351 25.83 -9.68 11.20
CA ILE A 351 25.67 -9.48 9.77
C ILE A 351 24.30 -8.84 9.45
N ILE A 352 23.24 -9.39 10.03
CA ILE A 352 21.89 -8.88 9.80
C ILE A 352 21.77 -7.44 10.28
N ALA A 353 22.38 -7.15 11.43
CA ALA A 353 22.39 -5.79 11.96
C ALA A 353 23.14 -4.83 11.03
N LEU A 354 24.30 -5.27 10.55
CA LEU A 354 25.13 -4.42 9.70
C LEU A 354 24.56 -4.25 8.30
N LEU A 355 24.44 -5.36 7.58
CA LEU A 355 23.90 -5.33 6.23
C LEU A 355 22.48 -4.80 6.20
N GLY A 356 21.70 -5.17 7.21
CA GLY A 356 20.32 -4.73 7.31
C GLY A 356 20.17 -3.24 7.47
N ASN A 357 20.87 -2.68 8.46
CA ASN A 357 20.74 -1.26 8.75
C ASN A 357 21.33 -0.39 7.63
N PHE A 358 22.43 -0.83 7.04
CA PHE A 358 23.04 -0.11 5.94
C PHE A 358 22.17 -0.11 4.68
N GLU A 359 21.51 -1.23 4.40
CA GLU A 359 20.66 -1.32 3.23
C GLU A 359 19.44 -0.43 3.40
N ALA A 360 18.89 -0.42 4.61
CA ALA A 360 17.76 0.42 4.95
C ALA A 360 18.11 1.88 4.73
N LEU A 361 19.28 2.29 5.23
CA LEU A 361 19.79 3.63 5.02
C LEU A 361 20.04 3.91 3.54
N ARG A 362 20.55 2.92 2.82
CA ARG A 362 20.81 3.06 1.39
C ARG A 362 19.51 3.35 0.65
N ARG A 363 18.44 2.68 1.06
CA ARG A 363 17.14 2.86 0.44
C ARG A 363 16.59 4.26 0.68
N ILE A 364 16.81 4.78 1.88
CA ILE A 364 16.41 6.13 2.21
C ILE A 364 17.06 7.16 1.28
N VAL A 365 18.36 7.01 1.05
CA VAL A 365 19.10 7.93 0.20
C VAL A 365 18.75 7.73 -1.28
N ALA A 366 18.61 6.47 -1.69
CA ALA A 366 18.38 6.13 -3.09
C ALA A 366 17.02 6.59 -3.60
N LEU A 367 16.00 6.50 -2.75
CA LEU A 367 14.62 6.78 -3.15
C LEU A 367 14.34 8.26 -3.33
N ARG A 368 15.21 9.10 -2.79
CA ARG A 368 15.13 10.55 -2.97
C ARG A 368 15.18 10.91 -4.45
N SER A 369 15.83 10.05 -5.24
CA SER A 369 15.99 10.25 -6.68
C SER A 369 14.66 10.28 -7.43
N TYR A 370 14.37 9.25 -8.20
CA TYR A 370 13.15 9.27 -9.01
C TYR A 370 11.92 9.07 -8.13
N THR A 371 11.05 10.09 -8.14
CA THR A 371 9.79 10.06 -7.41
C THR A 371 8.81 11.07 -8.00
N MET B 29 -10.22 15.00 -22.23
CA MET B 29 -9.98 16.31 -21.64
C MET B 29 -11.28 16.93 -21.09
N ARG B 30 -11.19 17.46 -19.87
CA ARG B 30 -12.32 18.12 -19.22
C ARG B 30 -11.95 19.57 -18.92
N LEU B 31 -12.84 20.50 -19.22
CA LEU B 31 -12.51 21.91 -19.04
C LEU B 31 -13.23 22.56 -17.86
N ALA B 32 -12.46 23.28 -17.05
CA ALA B 32 -13.01 24.03 -15.92
C ALA B 32 -12.93 25.53 -16.18
N TYR B 33 -14.08 26.16 -16.36
CA TYR B 33 -14.13 27.59 -16.61
C TYR B 33 -14.36 28.37 -15.33
N VAL B 34 -13.38 29.22 -14.99
CA VAL B 34 -13.45 30.03 -13.79
C VAL B 34 -13.43 31.51 -14.15
N LYS B 35 -14.52 32.20 -13.81
CA LYS B 35 -14.64 33.62 -14.07
C LYS B 35 -13.68 34.40 -13.17
N ASN B 36 -12.92 35.31 -13.76
CA ASN B 36 -11.96 36.11 -13.01
C ASN B 36 -12.60 37.02 -11.97
N HIS B 37 -11.88 37.21 -10.86
CA HIS B 37 -12.25 38.16 -9.82
C HIS B 37 -10.97 38.73 -9.22
N GLU B 38 -11.02 40.00 -8.81
CA GLU B 38 -9.84 40.67 -8.29
C GLU B 38 -9.30 40.00 -7.03
N ILE B 39 -10.19 39.32 -6.32
CA ILE B 39 -9.84 38.72 -5.03
C ILE B 39 -8.92 37.50 -5.20
N TYR B 40 -8.92 36.91 -6.39
CA TYR B 40 -8.05 35.78 -6.69
C TYR B 40 -6.57 36.17 -6.66
N GLY B 41 -6.31 37.48 -6.74
CA GLY B 41 -4.95 37.98 -6.71
C GLY B 41 -4.39 38.04 -5.31
N GLU B 42 -5.26 37.95 -4.32
CA GLU B 42 -4.85 37.98 -2.92
C GLU B 42 -4.24 36.65 -2.49
N LYS B 43 -3.20 36.74 -1.66
CA LYS B 43 -2.47 35.58 -1.18
C LYS B 43 -3.08 35.04 0.11
N LEU B 44 -3.34 33.73 0.15
CA LEU B 44 -3.81 33.08 1.37
C LEU B 44 -2.89 31.93 1.76
N LEU B 45 -2.15 32.11 2.86
CA LEU B 45 -1.24 31.09 3.38
C LEU B 45 -0.22 30.61 2.35
N GLY B 46 0.50 31.56 1.74
CA GLY B 46 1.61 31.24 0.87
C GLY B 46 1.28 31.25 -0.62
N LEU B 47 0.02 30.99 -0.96
CA LEU B 47 -0.43 30.96 -2.35
C LEU B 47 -1.62 31.87 -2.57
N THR B 48 -1.72 32.45 -3.76
CA THR B 48 -2.90 33.22 -4.13
C THR B 48 -4.12 32.33 -4.30
N LEU B 49 -5.31 32.90 -4.11
CA LEU B 49 -6.55 32.16 -4.27
C LEU B 49 -6.69 31.66 -5.70
N ARG B 50 -6.00 32.33 -6.62
CA ARG B 50 -5.92 31.89 -8.01
C ARG B 50 -5.18 30.58 -8.14
N GLU B 51 -4.00 30.53 -7.53
CA GLU B 51 -3.16 29.33 -7.56
C GLU B 51 -3.84 28.17 -6.85
N ARG B 52 -4.59 28.49 -5.80
CA ARG B 52 -5.28 27.49 -5.00
C ARG B 52 -6.42 26.82 -5.76
N ILE B 53 -7.29 27.63 -6.36
CA ILE B 53 -8.42 27.08 -7.10
C ILE B 53 -7.92 26.37 -8.36
N GLU B 54 -6.85 26.89 -8.94
CA GLU B 54 -6.24 26.30 -10.13
C GLU B 54 -5.70 24.89 -9.84
N LYS B 55 -4.91 24.78 -8.79
CA LYS B 55 -4.32 23.51 -8.42
C LYS B 55 -5.37 22.52 -7.90
N THR B 56 -6.35 23.01 -7.16
CA THR B 56 -7.42 22.15 -6.66
C THR B 56 -8.16 21.49 -7.82
N LEU B 57 -8.46 22.27 -8.85
CA LEU B 57 -9.17 21.76 -10.02
C LEU B 57 -8.28 20.85 -10.85
N GLN B 58 -7.00 21.20 -10.95
CA GLN B 58 -6.04 20.37 -11.69
C GLN B 58 -5.92 19.00 -11.04
N ARG B 59 -5.87 18.98 -9.70
CA ARG B 59 -5.91 17.74 -8.95
C ARG B 59 -7.15 16.93 -9.29
N ALA B 60 -8.26 17.64 -9.52
CA ALA B 60 -9.53 16.99 -9.82
C ALA B 60 -9.61 16.53 -11.26
N GLY B 61 -8.58 16.82 -12.05
CA GLY B 61 -8.51 16.33 -13.42
C GLY B 61 -9.13 17.25 -14.45
N PHE B 62 -9.11 18.55 -14.18
CA PHE B 62 -9.66 19.53 -15.10
C PHE B 62 -8.58 20.42 -15.72
N ASP B 63 -8.69 20.67 -17.02
CA ASP B 63 -7.87 21.70 -17.64
C ASP B 63 -8.54 23.03 -17.32
N VAL B 64 -7.78 23.98 -16.78
CA VAL B 64 -8.36 25.21 -16.27
C VAL B 64 -8.24 26.37 -17.26
N ARG B 65 -9.33 27.11 -17.41
CA ARG B 65 -9.36 28.29 -18.25
C ARG B 65 -10.00 29.46 -17.51
N PHE B 66 -9.21 30.47 -17.18
CA PHE B 66 -9.73 31.69 -16.58
C PHE B 66 -10.24 32.62 -17.68
N PHE B 67 -11.34 33.32 -17.43
CA PHE B 67 -11.99 34.09 -18.48
C PHE B 67 -12.70 35.33 -17.97
N ASP B 68 -12.84 36.32 -18.85
CA ASP B 68 -13.73 37.44 -18.61
C ASP B 68 -15.00 37.22 -19.41
N GLU B 69 -14.86 37.08 -20.72
CA GLU B 69 -15.94 36.65 -21.58
C GLU B 69 -15.67 35.21 -22.00
N LEU B 70 -16.69 34.37 -22.00
CA LEU B 70 -16.47 32.94 -22.22
C LEU B 70 -16.61 32.52 -23.68
N SER B 71 -15.54 31.93 -24.20
CA SER B 71 -15.57 31.27 -25.50
C SER B 71 -15.38 29.77 -25.26
N LEU B 72 -16.31 28.95 -25.74
CA LEU B 72 -16.36 27.55 -25.35
C LEU B 72 -15.55 26.62 -26.27
N GLU B 73 -14.68 25.82 -25.66
CA GLU B 73 -13.90 24.81 -26.39
C GLU B 73 -14.51 23.45 -26.13
N GLU B 74 -14.21 22.47 -26.98
CA GLU B 74 -14.78 21.14 -26.81
C GLU B 74 -14.08 20.32 -25.74
N ALA B 75 -14.89 19.59 -24.97
CA ALA B 75 -14.44 18.71 -23.91
C ALA B 75 -15.58 17.79 -23.53
N GLU B 76 -15.28 16.71 -22.81
CA GLU B 76 -16.31 15.77 -22.41
C GLU B 76 -17.30 16.41 -21.44
N ASP B 77 -16.75 17.25 -20.55
CA ASP B 77 -17.55 17.89 -19.51
C ASP B 77 -17.09 19.33 -19.26
N TYR B 78 -17.95 20.11 -18.63
CA TYR B 78 -17.65 21.51 -18.32
C TYR B 78 -17.97 21.87 -16.88
N LEU B 79 -17.02 22.55 -16.23
CA LEU B 79 -17.24 23.09 -14.91
C LEU B 79 -17.17 24.61 -14.96
N ILE B 80 -18.22 25.27 -14.48
CA ILE B 80 -18.31 26.73 -14.53
C ILE B 80 -18.42 27.33 -13.14
N ILE B 81 -17.50 28.25 -12.82
CA ILE B 81 -17.52 28.91 -11.52
C ILE B 81 -17.57 30.41 -11.70
N LEU B 82 -18.71 31.00 -11.33
CA LEU B 82 -18.96 32.42 -11.58
C LEU B 82 -18.58 33.27 -10.39
N GLU B 83 -18.92 32.79 -9.20
CA GLU B 83 -18.64 33.52 -7.98
C GLU B 83 -17.30 33.06 -7.42
N PRO B 84 -16.51 34.00 -6.87
CA PRO B 84 -15.19 33.65 -6.31
C PRO B 84 -15.33 32.73 -5.11
N VAL B 85 -14.60 31.63 -5.12
CA VAL B 85 -14.75 30.62 -4.09
C VAL B 85 -13.41 29.96 -3.78
N LEU B 86 -13.22 29.57 -2.53
CA LEU B 86 -12.08 28.76 -2.14
C LEU B 86 -12.55 27.35 -1.86
N ILE B 87 -12.09 26.40 -2.67
CA ILE B 87 -12.49 25.00 -2.49
C ILE B 87 -11.64 24.39 -1.39
N LEU B 88 -12.28 23.82 -0.38
CA LEU B 88 -11.57 23.29 0.77
C LEU B 88 -11.45 21.77 0.70
N GLU B 89 -12.37 21.14 -0.03
CA GLU B 89 -12.36 19.70 -0.22
C GLU B 89 -11.08 19.23 -0.92
N ARG B 90 -10.60 18.05 -0.54
CA ARG B 90 -9.29 17.57 -0.95
C ARG B 90 -9.36 16.57 -2.10
N ASP B 91 -10.33 15.66 -2.05
CA ASP B 91 -10.46 14.64 -3.09
C ASP B 91 -11.78 14.78 -3.84
N LEU B 92 -11.97 15.92 -4.51
CA LEU B 92 -13.21 16.18 -5.26
C LEU B 92 -13.43 15.20 -6.39
N LEU B 93 -14.65 14.67 -6.48
CA LEU B 93 -15.05 13.78 -7.57
C LEU B 93 -16.38 14.24 -8.16
N LEU B 94 -16.43 14.38 -9.48
CA LEU B 94 -17.62 14.87 -10.17
C LEU B 94 -18.11 13.89 -11.25
N GLU B 95 -19.08 13.06 -10.90
CA GLU B 95 -19.63 12.08 -11.84
C GLU B 95 -21.12 12.29 -12.09
N GLY B 96 -21.45 12.67 -13.32
CA GLY B 96 -22.83 12.97 -13.69
C GLY B 96 -23.07 14.46 -13.53
N ARG B 97 -23.86 15.03 -14.44
CA ARG B 97 -24.10 16.46 -14.44
C ARG B 97 -24.83 16.89 -13.16
N LYS B 98 -24.29 17.89 -12.48
CA LYS B 98 -24.81 18.30 -11.18
C LYS B 98 -24.59 19.79 -10.93
N ILE B 99 -25.25 20.32 -9.91
CA ILE B 99 -24.95 21.66 -9.44
C ILE B 99 -24.20 21.59 -8.12
N LEU B 100 -23.05 22.24 -8.05
CA LEU B 100 -22.20 22.22 -6.87
C LEU B 100 -22.66 23.27 -5.86
N VAL B 101 -22.90 22.81 -4.62
CA VAL B 101 -23.49 23.65 -3.60
C VAL B 101 -22.67 23.61 -2.31
N SER B 102 -22.59 24.75 -1.61
CA SER B 102 -21.97 24.80 -0.29
C SER B 102 -22.89 25.52 0.69
N ASP B 103 -23.50 24.75 1.60
CA ASP B 103 -24.43 25.29 2.58
C ASP B 103 -25.54 26.12 1.93
N GLY B 104 -26.21 25.52 0.95
CA GLY B 104 -27.32 26.17 0.28
C GLY B 104 -26.95 27.11 -0.85
N PHE B 105 -25.70 27.53 -0.89
CA PHE B 105 -25.24 28.46 -1.92
C PHE B 105 -24.60 27.75 -3.11
N THR B 106 -24.96 28.17 -4.32
CA THR B 106 -24.40 27.60 -5.53
C THR B 106 -22.95 28.02 -5.71
N VAL B 107 -22.07 27.04 -5.81
CA VAL B 107 -20.65 27.28 -5.97
C VAL B 107 -20.30 27.32 -7.44
N GLY B 108 -20.80 26.34 -8.18
CA GLY B 108 -20.53 26.24 -9.60
C GLY B 108 -21.43 25.25 -10.29
N TYR B 109 -21.36 25.21 -11.62
CA TYR B 109 -22.19 24.31 -12.40
C TYR B 109 -21.36 23.26 -13.11
N PHE B 110 -21.76 22.00 -12.98
CA PHE B 110 -21.09 20.90 -13.66
C PHE B 110 -21.96 20.34 -14.77
N PHE B 111 -21.67 20.75 -16.00
CA PHE B 111 -22.48 20.36 -17.15
C PHE B 111 -21.82 19.26 -17.98
N GLY B 112 -22.64 18.53 -18.72
CA GLY B 112 -22.14 17.53 -19.65
C GLY B 112 -21.70 18.18 -20.94
N GLY B 113 -21.09 17.40 -21.83
CA GLY B 113 -20.61 17.90 -23.10
C GLY B 113 -21.70 18.45 -23.98
N ASP B 114 -22.93 18.00 -23.74
CA ASP B 114 -24.10 18.43 -24.53
C ASP B 114 -24.44 19.91 -24.31
N PHE B 115 -23.76 20.55 -23.36
CA PHE B 115 -23.89 21.98 -23.16
C PHE B 115 -23.45 22.77 -24.39
N ARG B 116 -22.61 22.14 -25.22
CA ARG B 116 -22.18 22.74 -26.48
C ARG B 116 -23.36 22.97 -27.44
N THR B 117 -24.34 22.08 -27.39
CA THR B 117 -25.50 22.16 -28.29
C THR B 117 -26.49 23.22 -27.82
N VAL B 118 -26.17 23.88 -26.71
CA VAL B 118 -27.07 24.87 -26.12
C VAL B 118 -26.43 26.24 -26.07
N PHE B 119 -25.11 26.26 -25.97
CA PHE B 119 -24.36 27.50 -25.81
C PHE B 119 -24.56 28.41 -27.02
N ASP B 120 -24.91 29.67 -26.76
CA ASP B 120 -25.24 30.61 -27.83
C ASP B 120 -24.33 31.84 -27.82
N GLY B 121 -23.20 31.73 -27.15
CA GLY B 121 -22.24 32.81 -27.10
C GLY B 121 -22.46 33.73 -25.92
N ASN B 122 -23.61 33.59 -25.28
CA ASN B 122 -23.91 34.34 -24.08
C ASN B 122 -24.02 33.40 -22.88
N LEU B 123 -23.12 33.59 -21.92
CA LEU B 123 -22.97 32.66 -20.80
C LEU B 123 -24.24 32.62 -19.96
N GLN B 124 -24.66 33.78 -19.50
CA GLN B 124 -25.81 33.93 -18.62
C GLN B 124 -27.08 33.33 -19.22
N SER B 125 -27.34 33.63 -20.50
CA SER B 125 -28.49 33.08 -21.22
C SER B 125 -28.43 31.56 -21.40
N SER B 126 -27.26 31.07 -21.78
CA SER B 126 -27.05 29.63 -22.02
C SER B 126 -27.18 28.80 -20.75
N ILE B 127 -26.73 29.34 -19.63
CA ILE B 127 -26.86 28.68 -18.34
C ILE B 127 -28.34 28.52 -18.00
N GLU B 128 -29.10 29.60 -18.20
CA GLU B 128 -30.53 29.59 -17.96
C GLU B 128 -31.22 28.51 -18.80
N LYS B 129 -30.93 28.49 -20.09
CA LYS B 129 -31.55 27.51 -20.99
C LYS B 129 -31.13 26.07 -20.71
N TYR B 130 -29.84 25.85 -20.45
CA TYR B 130 -29.36 24.50 -20.17
C TYR B 130 -30.00 23.93 -18.92
N LEU B 131 -30.16 24.78 -17.91
CA LEU B 131 -30.81 24.39 -16.67
C LEU B 131 -32.29 24.15 -16.92
N SER B 132 -32.82 24.85 -17.91
CA SER B 132 -34.23 24.74 -18.25
C SER B 132 -34.55 23.39 -18.90
N LEU B 133 -33.65 22.89 -19.73
CA LEU B 133 -33.86 21.62 -20.41
C LEU B 133 -33.46 20.41 -19.57
N ASN B 134 -32.86 20.68 -18.42
CA ASN B 134 -32.40 19.61 -17.54
C ASN B 134 -33.00 19.68 -16.13
N ASN B 135 -32.71 18.66 -15.33
CA ASN B 135 -33.12 18.63 -13.93
C ASN B 135 -31.95 18.20 -13.04
N LEU B 136 -30.99 19.11 -12.87
CA LEU B 136 -29.75 18.79 -12.18
C LEU B 136 -29.98 18.59 -10.68
N GLU B 137 -29.37 17.53 -10.16
CA GLU B 137 -29.37 17.26 -8.73
C GLU B 137 -28.38 18.21 -8.06
N SER B 138 -28.67 18.60 -6.83
CA SER B 138 -27.74 19.45 -6.10
C SER B 138 -26.67 18.55 -5.50
N TYR B 139 -25.47 19.09 -5.34
CA TYR B 139 -24.36 18.30 -4.84
C TYR B 139 -23.51 19.15 -3.89
N GLU B 140 -23.44 18.71 -2.64
CA GLU B 140 -22.74 19.46 -1.60
C GLU B 140 -21.23 19.29 -1.67
N ILE B 141 -20.52 20.42 -1.70
CA ILE B 141 -19.06 20.39 -1.59
C ILE B 141 -18.62 21.39 -0.53
N TRP B 142 -17.52 21.08 0.14
CA TRP B 142 -16.97 21.98 1.14
C TRP B 142 -16.19 23.10 0.48
N ALA B 143 -16.73 24.32 0.54
CA ALA B 143 -16.09 25.47 -0.05
C ALA B 143 -16.61 26.74 0.60
N ILE B 144 -15.84 27.82 0.49
CA ILE B 144 -16.25 29.09 1.04
C ILE B 144 -16.21 30.18 -0.01
N LYS B 145 -17.36 30.83 -0.22
CA LYS B 145 -17.45 31.92 -1.18
C LYS B 145 -16.65 33.11 -0.65
N LEU B 146 -15.80 33.66 -1.49
CA LEU B 146 -14.81 34.63 -1.04
C LEU B 146 -15.29 36.08 -1.14
N SER B 147 -15.02 36.83 -0.07
CA SER B 147 -15.28 38.26 -0.04
C SER B 147 -14.06 38.92 0.58
N ASN B 148 -14.01 40.25 0.53
CA ASN B 148 -12.88 40.97 1.11
C ASN B 148 -12.94 40.98 2.63
N ASP B 149 -14.05 40.50 3.18
CA ASP B 149 -14.27 40.53 4.63
C ASP B 149 -14.01 39.18 5.30
N ASN B 150 -14.31 38.10 4.60
CA ASN B 150 -14.25 36.76 5.22
C ASN B 150 -12.95 36.01 4.93
N LEU B 151 -11.88 36.74 4.63
CA LEU B 151 -10.60 36.09 4.33
C LEU B 151 -9.95 35.48 5.57
N LYS B 152 -10.17 36.08 6.73
CA LYS B 152 -9.68 35.51 7.98
C LYS B 152 -10.42 34.22 8.27
N THR B 153 -11.72 34.22 7.95
CA THR B 153 -12.57 33.05 8.08
C THR B 153 -12.16 31.98 7.07
N ALA B 154 -11.74 32.41 5.89
CA ALA B 154 -11.25 31.50 4.87
C ALA B 154 -9.96 30.81 5.31
N GLU B 155 -9.10 31.58 5.98
CA GLU B 155 -7.83 31.06 6.47
C GLU B 155 -8.04 29.99 7.51
N LYS B 156 -8.90 30.28 8.48
CA LYS B 156 -9.18 29.35 9.57
C LYS B 156 -9.78 28.05 9.02
N LEU B 157 -10.67 28.19 8.03
CA LEU B 157 -11.29 27.03 7.39
C LEU B 157 -10.32 26.22 6.55
N LEU B 158 -9.41 26.92 5.87
CA LEU B 158 -8.41 26.25 5.05
C LEU B 158 -7.45 25.45 5.91
N LEU B 159 -7.06 26.03 7.04
CA LEU B 159 -6.18 25.35 7.99
C LEU B 159 -6.85 24.09 8.55
N SER B 160 -8.13 24.19 8.87
CA SER B 160 -8.87 23.06 9.42
C SER B 160 -9.06 21.94 8.39
N SER B 161 -8.93 22.29 7.11
CA SER B 161 -9.07 21.31 6.03
C SER B 161 -7.80 20.48 5.86
N LEU B 162 -6.76 20.86 6.59
CA LEU B 162 -5.44 20.24 6.48
C LEU B 162 -5.31 18.98 7.33
N ILE B 163 -6.29 18.75 8.20
CA ILE B 163 -6.23 17.61 9.11
C ILE B 163 -6.61 16.31 8.43
N LYS B 164 -5.99 15.22 8.87
CA LYS B 164 -6.30 13.90 8.33
C LYS B 164 -7.62 13.39 8.90
N ALA B 165 -8.73 13.87 8.35
CA ALA B 165 -10.05 13.46 8.79
C ALA B 165 -10.95 13.15 7.60
N LYS B 166 -12.10 12.55 7.89
CA LYS B 166 -13.05 12.16 6.87
C LYS B 166 -13.82 13.38 6.35
N ARG B 167 -13.85 14.42 7.18
CA ARG B 167 -14.57 15.64 6.86
C ARG B 167 -13.90 16.40 5.70
N THR B 168 -12.60 16.19 5.52
CA THR B 168 -11.84 16.91 4.51
C THR B 168 -11.91 16.20 3.16
N GLY B 169 -12.32 14.94 3.18
CA GLY B 169 -12.42 14.17 1.95
C GLY B 169 -11.12 13.51 1.55
N LEU B 170 -10.06 13.78 2.31
CA LEU B 170 -8.78 13.13 2.09
C LEU B 170 -8.90 11.65 2.41
N LYS B 171 -8.27 10.82 1.59
CA LYS B 171 -8.24 9.38 1.84
C LYS B 171 -6.79 8.92 2.01
N PRO B 172 -6.21 9.22 3.19
CA PRO B 172 -4.80 8.97 3.48
C PRO B 172 -4.54 7.54 3.94
N ALA B 173 -3.33 7.26 4.42
CA ALA B 173 -3.04 5.93 4.95
C ALA B 173 -3.81 5.71 6.24
N TYR B 174 -3.68 6.67 7.16
CA TYR B 174 -4.41 6.66 8.42
C TYR B 174 -5.20 7.94 8.61
N TYR B 175 -6.14 7.93 9.55
CA TYR B 175 -6.75 9.17 10.02
C TYR B 175 -6.12 9.55 11.34
N ASP B 176 -6.33 10.79 11.78
CA ASP B 176 -5.78 11.26 13.05
C ASP B 176 -6.40 10.54 14.24
N GLY B 177 -5.58 10.18 15.21
CA GLY B 177 -6.07 9.60 16.44
C GLY B 177 -6.75 10.66 17.26
N TRP B 178 -7.34 10.26 18.39
CA TRP B 178 -8.07 11.21 19.22
C TRP B 178 -7.13 12.27 19.82
N ILE B 179 -5.95 11.84 20.29
CA ILE B 179 -4.97 12.77 20.85
C ILE B 179 -4.44 13.75 19.79
N ALA B 180 -4.10 13.22 18.62
CA ALA B 180 -3.62 14.05 17.52
C ALA B 180 -4.66 15.09 17.16
N ARG B 181 -5.89 14.61 16.94
CA ARG B 181 -6.98 15.44 16.47
C ARG B 181 -7.40 16.50 17.49
N GLU B 182 -7.51 16.10 18.75
CA GLU B 182 -8.10 16.98 19.76
C GLU B 182 -7.06 17.78 20.54
N ILE B 183 -5.80 17.37 20.45
CA ILE B 183 -4.73 18.08 21.13
C ILE B 183 -3.66 18.60 20.17
N ASN B 184 -3.00 17.68 19.47
CA ASN B 184 -1.84 18.02 18.67
C ASN B 184 -2.12 18.96 17.51
N ARG B 185 -3.22 18.71 16.79
CA ARG B 185 -3.55 19.49 15.61
C ARG B 185 -3.76 20.96 15.95
N LYS B 186 -4.29 21.22 17.14
CA LYS B 186 -4.54 22.58 17.59
C LYS B 186 -3.26 23.40 17.58
N VAL B 187 -2.15 22.77 17.92
CA VAL B 187 -0.86 23.46 17.95
C VAL B 187 -0.18 23.46 16.59
N SER B 188 -0.14 22.28 15.95
CA SER B 188 0.59 22.13 14.71
C SER B 188 0.04 23.02 13.61
N LEU B 189 -1.29 23.19 13.60
CA LEU B 189 -1.93 24.09 12.64
C LEU B 189 -1.50 25.53 12.85
N ARG B 190 -1.37 25.94 14.11
CA ARG B 190 -0.96 27.30 14.44
C ARG B 190 0.48 27.52 14.01
N ILE B 191 1.29 26.46 14.03
CA ILE B 191 2.66 26.51 13.58
C ILE B 191 2.72 26.54 12.06
N SER B 192 1.89 25.72 11.44
CA SER B 192 1.84 25.62 9.99
C SER B 192 1.42 26.94 9.35
N ARG B 193 0.53 27.65 10.05
CA ARG B 193 0.09 28.97 9.60
C ARG B 193 1.27 29.93 9.46
N LEU B 194 2.21 29.84 10.40
CA LEU B 194 3.40 30.69 10.38
C LEU B 194 4.42 30.23 9.34
N LEU B 195 4.51 28.92 9.14
CA LEU B 195 5.47 28.36 8.19
C LEU B 195 5.02 28.57 6.74
N ALA B 196 3.73 28.79 6.54
CA ALA B 196 3.18 28.97 5.20
C ALA B 196 3.82 30.15 4.47
N ASP B 197 4.20 31.18 5.21
CA ASP B 197 4.75 32.39 4.61
C ASP B 197 6.24 32.24 4.31
N THR B 198 6.80 31.06 4.57
CA THR B 198 8.22 30.82 4.37
C THR B 198 8.48 29.85 3.23
N SER B 199 9.75 29.60 2.95
CA SER B 199 10.14 28.71 1.86
C SER B 199 10.38 27.29 2.36
N VAL B 200 9.99 27.04 3.60
CA VAL B 200 10.21 25.74 4.22
C VAL B 200 9.37 24.67 3.52
N THR B 201 10.01 23.56 3.16
CA THR B 201 9.36 22.48 2.45
C THR B 201 8.96 21.36 3.42
N PRO B 202 7.98 20.52 3.03
CA PRO B 202 7.53 19.41 3.88
C PRO B 202 8.64 18.47 4.29
N ASN B 203 9.53 18.13 3.36
CA ASN B 203 10.62 17.22 3.65
C ASN B 203 11.56 17.78 4.70
N GLN B 204 11.79 19.08 4.65
CA GLN B 204 12.65 19.73 5.63
C GLN B 204 12.07 19.61 7.03
N ILE B 205 10.74 19.77 7.14
CA ILE B 205 10.08 19.64 8.43
C ILE B 205 10.14 18.21 8.93
N THR B 206 9.98 17.26 8.01
CA THR B 206 10.02 15.83 8.34
C THR B 206 11.35 15.47 8.98
N VAL B 207 12.42 15.90 8.34
CA VAL B 207 13.77 15.66 8.85
C VAL B 207 13.96 16.34 10.20
N PHE B 208 13.47 17.56 10.32
CA PHE B 208 13.57 18.33 11.56
C PHE B 208 12.80 17.66 12.68
N SER B 209 11.62 17.14 12.37
CA SER B 209 10.81 16.42 13.35
C SER B 209 11.58 15.21 13.85
N PHE B 210 12.21 14.48 12.92
CA PHE B 210 13.00 13.31 13.27
C PHE B 210 14.19 13.67 14.15
N PHE B 211 14.84 14.78 13.83
CA PHE B 211 15.99 15.23 14.60
C PHE B 211 15.58 15.57 16.03
N LEU B 212 14.38 16.08 16.20
CA LEU B 212 13.83 16.37 17.52
C LEU B 212 13.71 15.12 18.35
N SER B 213 13.27 14.03 17.70
CA SER B 213 13.16 12.75 18.37
C SER B 213 14.53 12.27 18.81
N LEU B 214 15.57 12.62 18.05
CA LEU B 214 16.94 12.32 18.44
C LEU B 214 17.39 13.14 19.64
N VAL B 215 16.99 14.41 19.67
CA VAL B 215 17.29 15.28 20.81
C VAL B 215 16.61 14.74 22.06
N GLY B 216 15.36 14.29 21.89
CA GLY B 216 14.62 13.68 22.98
C GLY B 216 15.31 12.41 23.46
N SER B 217 15.74 11.58 22.52
CA SER B 217 16.42 10.32 22.85
C SER B 217 17.74 10.57 23.58
N ALA B 218 18.47 11.60 23.15
CA ALA B 218 19.72 11.95 23.81
C ALA B 218 19.48 12.37 25.26
N LEU B 219 18.40 13.12 25.47
CA LEU B 219 18.06 13.60 26.81
C LEU B 219 17.71 12.46 27.74
N PHE B 220 17.12 11.40 27.18
CA PHE B 220 16.81 10.21 27.97
C PHE B 220 18.11 9.56 28.48
N LEU B 221 19.16 9.64 27.67
CA LEU B 221 20.43 8.99 27.98
C LEU B 221 21.21 9.63 29.14
N LEU B 222 20.91 10.89 29.45
CA LEU B 222 21.68 11.59 30.49
C LEU B 222 21.30 11.10 31.88
N ASN B 223 20.18 10.38 31.94
CA ASN B 223 19.74 9.70 33.16
C ASN B 223 19.63 10.60 34.38
N SER B 224 18.71 11.55 34.30
CA SER B 224 18.34 12.39 35.43
C SER B 224 16.93 12.91 35.20
N TYR B 225 16.22 13.20 36.27
CA TYR B 225 14.82 13.60 36.19
C TYR B 225 14.65 14.85 35.32
N LEU B 226 15.54 15.82 35.51
CA LEU B 226 15.50 17.05 34.72
C LEU B 226 15.60 16.75 33.22
N THR B 227 16.57 15.94 32.84
CA THR B 227 16.74 15.59 31.44
C THR B 227 15.62 14.67 30.97
N THR B 228 15.11 13.85 31.89
CA THR B 228 13.99 12.96 31.60
C THR B 228 12.71 13.77 31.37
N LEU B 229 12.54 14.83 32.14
CA LEU B 229 11.39 15.71 31.96
C LEU B 229 11.47 16.41 30.62
N LEU B 230 12.65 16.94 30.29
CA LEU B 230 12.88 17.60 29.00
C LEU B 230 12.69 16.64 27.83
N ALA B 231 13.10 15.40 28.03
CA ALA B 231 12.96 14.38 26.98
C ALA B 231 11.49 14.24 26.61
N GLY B 232 10.66 13.98 27.61
CA GLY B 232 9.24 13.79 27.40
C GLY B 232 8.59 14.96 26.70
N VAL B 233 8.94 16.17 27.15
CA VAL B 233 8.41 17.39 26.56
C VAL B 233 8.74 17.47 25.07
N ILE B 234 9.99 17.17 24.73
CA ILE B 234 10.43 17.22 23.35
C ILE B 234 9.82 16.09 22.51
N ILE B 235 9.58 14.95 23.14
CA ILE B 235 8.94 13.85 22.42
C ILE B 235 7.51 14.24 22.02
N GLN B 236 6.80 14.93 22.91
CA GLN B 236 5.45 15.41 22.61
C GLN B 236 5.51 16.55 21.59
N LEU B 237 6.53 17.40 21.72
CA LEU B 237 6.78 18.46 20.75
C LEU B 237 7.03 17.83 19.39
N HIS B 238 7.79 16.75 19.39
CA HIS B 238 8.04 15.97 18.18
C HIS B 238 6.73 15.43 17.61
N SER B 239 5.88 14.93 18.49
CA SER B 239 4.59 14.41 18.08
C SER B 239 3.74 15.48 17.40
N ILE B 240 3.77 16.68 17.96
CA ILE B 240 2.97 17.78 17.43
C ILE B 240 3.51 18.22 16.07
N ILE B 241 4.82 18.43 15.99
CA ILE B 241 5.47 18.91 14.78
C ILE B 241 5.42 17.87 13.65
N ASP B 242 5.29 16.60 14.00
CA ASP B 242 5.18 15.55 12.99
C ASP B 242 3.88 15.68 12.19
N GLY B 243 3.05 16.63 12.59
CA GLY B 243 1.84 16.94 11.85
C GLY B 243 2.05 18.07 10.87
N CYS B 244 3.10 18.86 11.07
CA CYS B 244 3.34 20.04 10.26
C CYS B 244 3.77 19.72 8.85
N ASP B 245 4.57 18.68 8.70
CA ASP B 245 5.06 18.28 7.37
C ASP B 245 3.90 17.90 6.47
N GLY B 246 2.92 17.19 7.04
CA GLY B 246 1.73 16.81 6.31
C GLY B 246 0.81 17.99 6.05
N GLU B 247 0.67 18.87 7.04
CA GLU B 247 -0.16 20.05 6.91
C GLU B 247 0.34 20.99 5.82
N ILE B 248 1.64 21.29 5.85
CA ILE B 248 2.24 22.18 4.86
C ILE B 248 2.18 21.56 3.46
N ALA B 249 2.33 20.24 3.39
CA ALA B 249 2.27 19.52 2.12
C ALA B 249 0.93 19.72 1.43
N ARG B 250 -0.13 19.52 2.19
CA ARG B 250 -1.48 19.67 1.66
C ARG B 250 -1.84 21.14 1.46
N LEU B 251 -1.33 22.00 2.34
CA LEU B 251 -1.64 23.42 2.29
C LEU B 251 -1.10 24.08 1.03
N LYS B 252 0.08 23.66 0.59
CA LYS B 252 0.74 24.29 -0.55
C LYS B 252 0.92 23.32 -1.72
N PHE B 253 0.14 22.23 -1.69
CA PHE B 253 0.12 21.25 -2.77
C PHE B 253 1.50 20.70 -3.09
N MET B 254 2.26 20.43 -2.05
CA MET B 254 3.60 19.91 -2.23
C MET B 254 3.68 18.47 -1.74
N GLU B 255 2.55 17.76 -1.84
CA GLU B 255 2.54 16.34 -1.51
C GLU B 255 3.39 15.58 -2.51
N SER B 256 4.01 14.51 -2.05
CA SER B 256 4.87 13.70 -2.89
C SER B 256 4.91 12.28 -2.37
N LYS B 257 5.22 11.34 -3.25
CA LYS B 257 5.28 9.93 -2.88
C LYS B 257 6.42 9.64 -1.90
N TYR B 258 7.59 10.22 -2.17
CA TYR B 258 8.74 10.08 -1.29
C TYR B 258 8.48 10.74 0.07
N GLY B 259 7.74 11.85 0.04
CA GLY B 259 7.37 12.56 1.25
C GLY B 259 6.55 11.70 2.19
N ALA B 260 5.55 11.01 1.64
CA ALA B 260 4.72 10.10 2.41
C ALA B 260 5.57 8.94 2.92
N TRP B 261 6.45 8.44 2.06
CA TRP B 261 7.35 7.35 2.39
C TRP B 261 8.29 7.74 3.54
N LEU B 262 8.97 8.87 3.38
CA LEU B 262 9.94 9.33 4.37
C LEU B 262 9.29 9.69 5.71
N ASP B 263 8.12 10.31 5.65
CA ASP B 263 7.41 10.71 6.86
C ASP B 263 7.17 9.53 7.79
N GLY B 264 6.76 8.41 7.20
CA GLY B 264 6.50 7.18 7.93
C GLY B 264 7.74 6.46 8.40
N VAL B 265 8.72 6.33 7.51
CA VAL B 265 9.96 5.63 7.80
C VAL B 265 10.71 6.25 8.98
N LEU B 266 10.84 7.57 8.98
CA LEU B 266 11.55 8.25 10.06
C LEU B 266 10.79 8.18 11.39
N ASP B 267 9.47 7.99 11.31
CA ASP B 267 8.67 7.78 12.50
C ASP B 267 8.99 6.43 13.14
N ARG B 268 9.29 5.44 12.30
CA ARG B 268 9.68 4.12 12.78
C ARG B 268 11.05 4.15 13.43
N TYR B 269 11.97 4.89 12.81
CA TYR B 269 13.29 5.09 13.37
C TYR B 269 13.17 5.79 14.71
N SER B 270 12.31 6.79 14.76
CA SER B 270 12.07 7.56 15.98
C SER B 270 11.51 6.67 17.09
N ASP B 271 10.48 5.89 16.76
CA ASP B 271 9.84 4.99 17.73
C ASP B 271 10.86 4.01 18.30
N PHE B 272 11.69 3.46 17.42
CA PHE B 272 12.70 2.49 17.81
C PHE B 272 13.78 3.12 18.70
N ILE B 273 14.28 4.27 18.29
CA ILE B 273 15.37 4.95 19.00
C ILE B 273 14.93 5.50 20.36
N ILE B 274 13.70 6.02 20.44
CA ILE B 274 13.15 6.50 21.71
C ILE B 274 13.06 5.38 22.73
N VAL B 275 12.45 4.28 22.33
CA VAL B 275 12.32 3.11 23.19
C VAL B 275 13.70 2.56 23.52
N PHE B 276 14.59 2.58 22.53
CA PHE B 276 15.95 2.05 22.69
C PHE B 276 16.72 2.81 23.76
N SER B 277 16.63 4.14 23.71
CA SER B 277 17.32 4.99 24.67
C SER B 277 16.80 4.76 26.08
N ILE B 278 15.48 4.74 26.23
CA ILE B 278 14.87 4.53 27.52
C ILE B 278 15.20 3.14 28.07
N THR B 279 15.18 2.14 27.20
CA THR B 279 15.49 0.77 27.60
C THR B 279 16.94 0.66 28.07
N TYR B 280 17.85 1.27 27.31
CA TYR B 280 19.28 1.20 27.60
C TYR B 280 19.62 1.76 28.97
N VAL B 281 19.03 2.89 29.33
CA VAL B 281 19.25 3.47 30.64
C VAL B 281 18.67 2.58 31.74
N LEU B 282 17.45 2.10 31.54
CA LEU B 282 16.76 1.27 32.54
C LEU B 282 17.43 -0.08 32.75
N SER B 283 18.16 -0.54 31.75
CA SER B 283 18.81 -1.84 31.82
C SER B 283 19.92 -1.88 32.86
N ALA B 284 20.45 -0.71 33.21
CA ALA B 284 21.51 -0.61 34.21
C ALA B 284 21.00 -1.02 35.59
N SER B 285 19.71 -0.77 35.84
CA SER B 285 19.08 -1.13 37.10
C SER B 285 18.60 -2.58 37.08
N ASN B 286 17.76 -2.91 36.11
CA ASN B 286 17.23 -4.26 36.00
C ASN B 286 17.24 -4.72 34.55
N PRO B 287 18.06 -5.75 34.26
CA PRO B 287 18.22 -6.28 32.89
C PRO B 287 16.93 -6.80 32.26
N VAL B 288 15.93 -7.11 33.09
CA VAL B 288 14.64 -7.58 32.58
C VAL B 288 13.96 -6.53 31.71
N TYR B 289 14.31 -5.27 31.91
CA TYR B 289 13.74 -4.16 31.15
C TYR B 289 14.13 -4.22 29.68
N TRP B 290 15.21 -4.93 29.35
CA TRP B 290 15.54 -5.21 27.96
C TRP B 290 14.35 -5.87 27.27
N ILE B 291 13.77 -6.87 27.94
CA ILE B 291 12.65 -7.62 27.42
C ILE B 291 11.42 -6.72 27.20
N ILE B 292 11.09 -5.92 28.20
CA ILE B 292 9.97 -5.00 28.10
C ILE B 292 10.23 -3.99 26.98
N GLY B 293 11.47 -3.51 26.93
CA GLY B 293 11.90 -2.60 25.89
C GLY B 293 11.69 -3.19 24.51
N PHE B 294 12.19 -4.41 24.34
CA PHE B 294 12.00 -5.18 23.11
C PHE B 294 10.54 -5.24 22.71
N LEU B 295 9.69 -5.60 23.68
CA LEU B 295 8.27 -5.79 23.41
C LEU B 295 7.59 -4.48 23.07
N ALA B 296 8.06 -3.39 23.68
CA ALA B 296 7.53 -2.06 23.42
C ALA B 296 7.97 -1.58 22.05
N ALA B 297 9.25 -1.78 21.74
CA ALA B 297 9.84 -1.37 20.47
C ALA B 297 9.17 -2.11 19.32
N PHE B 298 9.02 -3.41 19.47
CA PHE B 298 8.34 -4.26 18.48
C PHE B 298 6.91 -3.78 18.20
N ALA B 299 6.17 -3.53 19.28
CA ALA B 299 4.78 -3.08 19.16
C ALA B 299 4.69 -1.77 18.40
N SER B 300 5.56 -0.83 18.73
CA SER B 300 5.56 0.48 18.09
C SER B 300 5.70 0.37 16.56
N LEU B 301 6.46 -0.62 16.10
CA LEU B 301 6.61 -0.88 14.68
C LEU B 301 5.43 -1.62 14.09
N MET B 302 4.87 -2.56 14.85
CA MET B 302 3.80 -3.42 14.34
C MET B 302 2.48 -2.69 14.19
N ILE B 303 2.21 -1.74 15.08
CA ILE B 303 1.02 -0.91 14.96
C ILE B 303 1.08 -0.18 13.62
N ALA B 304 2.29 0.22 13.24
CA ALA B 304 2.51 0.84 11.95
C ALA B 304 2.45 -0.16 10.80
N TYR B 305 3.16 -1.28 10.95
CA TYR B 305 3.28 -2.24 9.86
C TYR B 305 1.93 -2.82 9.46
N THR B 306 1.17 -3.28 10.46
CA THR B 306 -0.13 -3.90 10.19
C THR B 306 -1.06 -2.96 9.42
N GLY B 307 -0.95 -1.66 9.70
CA GLY B 307 -1.75 -0.66 9.02
C GLY B 307 -1.33 -0.43 7.58
N ASP B 308 -0.02 -0.25 7.39
CA ASP B 308 0.51 0.02 6.06
C ASP B 308 0.42 -1.22 5.17
N LYS B 309 0.56 -2.40 5.78
CA LYS B 309 0.41 -3.65 5.06
C LYS B 309 -1.03 -3.79 4.56
N PHE B 310 -1.97 -3.31 5.37
CA PHE B 310 -3.38 -3.28 5.00
C PHE B 310 -3.55 -2.39 3.76
N VAL B 311 -2.92 -1.22 3.80
CA VAL B 311 -2.96 -0.27 2.69
C VAL B 311 -2.37 -0.92 1.44
N ALA B 312 -1.33 -1.70 1.63
CA ALA B 312 -0.68 -2.37 0.51
C ALA B 312 -1.55 -3.48 -0.07
N ALA B 313 -2.34 -4.13 0.79
CA ALA B 313 -3.10 -5.30 0.38
C ALA B 313 -4.52 -4.96 -0.07
N TYR B 314 -5.13 -3.98 0.57
CA TYR B 314 -6.53 -3.63 0.31
C TYR B 314 -6.62 -2.38 -0.55
N MET B 315 -5.50 -1.67 -0.62
CA MET B 315 -5.37 -0.45 -1.42
C MET B 315 -6.40 0.61 -1.03
N ARG B 316 -6.78 0.64 0.24
CA ARG B 316 -7.63 1.70 0.76
C ARG B 316 -7.19 2.11 2.15
N THR B 317 -7.70 3.25 2.61
CA THR B 317 -7.38 3.78 3.93
C THR B 317 -7.73 2.84 5.07
N TYR B 318 -6.77 2.63 5.98
CA TYR B 318 -7.02 1.78 7.13
C TYR B 318 -7.85 2.53 8.17
N SER B 319 -8.94 1.91 8.59
CA SER B 319 -9.84 2.51 9.57
C SER B 319 -10.68 1.42 10.24
N PRO B 320 -10.35 1.08 11.49
CA PRO B 320 -11.11 0.06 12.23
C PRO B 320 -12.53 0.54 12.52
N GLU B 321 -13.51 -0.34 12.32
CA GLU B 321 -14.92 0.03 12.40
C GLU B 321 -15.39 0.29 13.83
N GLY B 322 -15.09 -0.63 14.74
CA GLY B 322 -15.59 -0.54 16.10
C GLY B 322 -14.51 -0.30 17.13
N PHE B 323 -14.45 -1.19 18.11
CA PHE B 323 -13.47 -1.08 19.19
C PHE B 323 -12.05 -1.25 18.67
N ALA B 324 -11.15 -0.41 19.16
CA ALA B 324 -9.71 -0.57 18.93
C ALA B 324 -8.96 0.11 20.07
N ILE B 325 -7.89 -0.51 20.54
CA ILE B 325 -7.13 0.05 21.65
C ILE B 325 -6.37 1.29 21.23
N PRO B 326 -6.59 2.39 21.96
CA PRO B 326 -5.93 3.66 21.61
C PRO B 326 -4.45 3.60 21.92
N ILE B 327 -3.67 3.11 20.97
CA ILE B 327 -2.23 2.99 21.13
C ILE B 327 -1.54 3.38 19.80
N THR B 328 -2.19 4.25 19.04
CA THR B 328 -1.58 4.84 17.86
C THR B 328 -0.46 5.79 18.29
N ARG B 329 0.30 6.29 17.33
CA ARG B 329 1.52 7.05 17.62
C ARG B 329 1.29 8.26 18.50
N ASP B 330 0.18 8.96 18.27
CA ASP B 330 -0.15 10.14 19.06
C ASP B 330 -0.32 9.76 20.54
N PHE B 331 -0.93 8.60 20.78
CA PHE B 331 -1.07 8.09 22.14
C PHE B 331 0.26 7.64 22.73
N ARG B 332 1.01 6.85 21.96
CA ARG B 332 2.27 6.29 22.42
C ARG B 332 3.24 7.37 22.87
N LEU B 333 3.32 8.45 22.09
CA LEU B 333 4.24 9.53 22.41
C LEU B 333 3.71 10.37 23.57
N LEU B 334 2.39 10.50 23.67
CA LEU B 334 1.78 11.20 24.79
C LEU B 334 1.97 10.38 26.07
N ILE B 335 1.88 9.07 25.93
CA ILE B 335 2.10 8.17 27.06
C ILE B 335 3.54 8.29 27.55
N ILE B 336 4.48 8.30 26.61
CA ILE B 336 5.89 8.48 26.94
C ILE B 336 6.09 9.85 27.60
N PHE B 337 5.43 10.87 27.06
CA PHE B 337 5.48 12.22 27.63
C PHE B 337 4.99 12.25 29.07
N ALA B 338 3.78 11.76 29.28
CA ALA B 338 3.18 11.75 30.61
C ALA B 338 4.02 10.95 31.60
N CYS B 339 4.49 9.78 31.17
CA CYS B 339 5.26 8.92 32.06
C CYS B 339 6.60 9.53 32.41
N SER B 340 7.13 10.37 31.51
CA SER B 340 8.43 10.98 31.74
C SER B 340 8.37 12.10 32.78
N VAL B 341 7.26 12.84 32.80
CA VAL B 341 7.15 13.98 33.71
C VAL B 341 6.98 13.53 35.16
N VAL B 342 6.62 12.26 35.35
CA VAL B 342 6.53 11.69 36.69
C VAL B 342 7.73 10.78 36.91
N ASN B 343 8.71 10.91 36.04
CA ASN B 343 9.97 10.17 36.12
C ASN B 343 9.77 8.66 36.08
N LEU B 344 8.81 8.21 35.28
CA LEU B 344 8.55 6.78 35.13
C LEU B 344 8.51 6.32 33.67
N PRO B 345 9.61 6.50 32.93
CA PRO B 345 9.61 6.08 31.52
C PRO B 345 9.44 4.57 31.36
N SER B 346 9.75 3.81 32.40
CA SER B 346 9.58 2.37 32.39
C SER B 346 8.11 2.02 32.24
N LEU B 347 7.25 2.82 32.86
CA LEU B 347 5.81 2.60 32.78
C LEU B 347 5.31 2.80 31.36
N ALA B 348 5.93 3.74 30.65
CA ALA B 348 5.58 3.99 29.26
C ALA B 348 5.90 2.75 28.42
N LEU B 349 7.06 2.15 28.68
CA LEU B 349 7.46 0.92 28.04
C LEU B 349 6.50 -0.21 28.34
N VAL B 350 6.08 -0.31 29.60
CA VAL B 350 5.11 -1.32 30.01
C VAL B 350 3.76 -1.13 29.32
N ILE B 351 3.28 0.11 29.31
CA ILE B 351 1.99 0.42 28.69
C ILE B 351 2.05 0.16 27.19
N ILE B 352 3.08 0.67 26.54
CA ILE B 352 3.23 0.51 25.10
C ILE B 352 3.38 -0.97 24.72
N ALA B 353 4.14 -1.72 25.51
CA ALA B 353 4.31 -3.15 25.27
C ALA B 353 3.00 -3.93 25.41
N LEU B 354 2.24 -3.63 26.45
CA LEU B 354 0.98 -4.33 26.72
C LEU B 354 -0.11 -3.94 25.73
N LEU B 355 -0.45 -2.66 25.72
CA LEU B 355 -1.50 -2.14 24.86
C LEU B 355 -1.17 -2.36 23.40
N GLY B 356 0.12 -2.21 23.07
CA GLY B 356 0.59 -2.36 21.70
C GLY B 356 0.45 -3.77 21.17
N ASN B 357 0.98 -4.74 21.90
CA ASN B 357 0.95 -6.12 21.44
C ASN B 357 -0.45 -6.72 21.39
N PHE B 358 -1.30 -6.39 22.36
CA PHE B 358 -2.66 -6.90 22.31
C PHE B 358 -3.40 -6.31 21.11
N GLU B 359 -3.13 -5.04 20.82
CA GLU B 359 -3.78 -4.38 19.69
C GLU B 359 -3.33 -4.97 18.36
N ALA B 360 -2.05 -5.28 18.25
CA ALA B 360 -1.52 -5.94 17.07
C ALA B 360 -2.21 -7.28 16.86
N LEU B 361 -2.27 -8.08 17.94
CA LEU B 361 -2.95 -9.37 17.90
C LEU B 361 -4.44 -9.22 17.59
N ARG B 362 -5.07 -8.18 18.14
CA ARG B 362 -6.48 -7.93 17.86
C ARG B 362 -6.70 -7.67 16.38
N ARG B 363 -5.77 -6.94 15.76
CA ARG B 363 -5.86 -6.65 14.35
C ARG B 363 -5.75 -7.91 13.50
N ILE B 364 -4.88 -8.83 13.94
CA ILE B 364 -4.76 -10.12 13.27
C ILE B 364 -6.09 -10.86 13.30
N VAL B 365 -6.74 -10.85 14.46
CA VAL B 365 -8.02 -11.52 14.66
C VAL B 365 -9.18 -10.81 13.95
N ALA B 366 -9.19 -9.48 14.02
CA ALA B 366 -10.30 -8.71 13.47
C ALA B 366 -10.38 -8.77 11.95
N LEU B 367 -9.22 -8.75 11.29
CA LEU B 367 -9.15 -8.67 9.84
C LEU B 367 -9.50 -9.98 9.12
N ARG B 368 -9.54 -11.08 9.86
CA ARG B 368 -9.94 -12.36 9.27
C ARG B 368 -11.34 -12.27 8.68
N SER B 369 -12.16 -11.37 9.23
CA SER B 369 -13.52 -11.16 8.77
C SER B 369 -13.64 -9.90 7.93
CA CA C . 4.67 -16.44 2.26
CA CA D . 4.97 -15.27 5.68
C12 MPG E . -0.92 -25.22 11.94
C13 MPG E . -2.37 -24.78 12.00
C14 MPG E . -2.86 -24.38 10.62
C15 MPG E . -4.35 -24.14 10.64
C16 MPG E . -4.66 -22.69 10.36
C17 MPG E . -6.10 -22.54 9.91
C18 MPG E . -6.31 -21.20 9.24
C12 MPG F . -2.94 -28.48 7.42
C13 MPG F . -1.72 -27.60 7.27
C14 MPG F . -0.55 -28.43 6.77
C15 MPG F . 0.57 -27.51 6.34
C16 MPG F . 1.72 -28.33 5.82
C17 MPG F . 2.61 -27.49 4.94
C18 MPG F . 3.68 -28.36 4.32
C12 MPG G . -0.99 -16.77 15.22
C13 MPG G . -2.08 -16.06 14.44
C14 MPG G . -2.83 -17.06 13.58
C15 MPG G . -3.89 -16.35 12.77
C16 MPG G . -4.83 -17.37 12.14
C17 MPG G . -5.75 -16.69 11.15
C18 MPG G . -6.42 -17.74 10.28
C12 MPG H . -9.88 -21.69 12.49
C13 MPG H . -8.44 -21.25 12.36
C14 MPG H . -7.67 -21.66 13.60
C15 MPG H . -6.19 -21.38 13.42
C16 MPG H . -5.51 -21.33 14.77
C17 MPG H . -4.01 -21.48 14.59
C18 MPG H . -3.30 -20.95 15.82
O1 TLA I . 11.30 -9.00 4.52
O11 TLA I . 12.63 -8.44 2.89
C1 TLA I . 11.48 -8.77 3.31
C2 TLA I . 10.32 -8.85 2.34
O2 TLA I . 9.12 -8.66 3.04
C3 TLA I . 10.31 -10.20 1.67
O3 TLA I . 11.61 -10.75 1.66
C4 TLA I . 9.35 -11.13 2.40
O4 TLA I . 9.71 -12.30 2.73
O41 TLA I . 8.18 -10.75 2.68
N1 C2G J . -0.84 -15.12 -0.61
C2 C2G J . -2.16 -15.36 -0.30
N3 C2G J . -2.47 -16.10 0.80
C4 C2G J . -1.48 -16.61 1.58
C5 C2G J . -0.17 -16.36 1.26
C6 C2G J . 0.15 -15.61 0.16
O2 C2G J . -3.03 -14.90 -1.00
N4 C2G J . -1.80 -17.39 2.73
C1' C2G J . -0.53 -14.34 -1.75
C2' C2G J . -0.54 -13.05 -1.41
O2' C2G J . -1.30 -12.27 -2.39
C3' C2G J . 0.92 -12.59 -1.37
C4' C2G J . 1.71 -13.64 -2.26
O4' C2G J . 0.99 -14.73 -2.25
O3' C2G J . 1.04 -11.32 -1.89
C5' C2G J . 3.10 -13.96 -1.70
O5' C2G J . 3.59 -15.19 -2.23
PA C2G J . 4.86 -15.84 -1.60
O1A C2G J . 5.38 -16.86 -2.52
O2A C2G J . 4.50 -16.45 -0.29
O3A C2G J . 5.95 -14.75 -1.36
PB C2G J . 6.74 -14.53 -0.01
O1B C2G J . 6.21 -15.47 1.07
O2B C2G J . 6.57 -13.08 0.43
O3B C2G J . 8.28 -14.85 -0.26
O1G C2G J . 11.03 -17.74 0.71
C1G C2G J . 10.60 -17.83 -0.59
C2G C2G J . 9.82 -16.55 -1.01
O2G C2G J . 10.70 -15.49 -1.14
C3G C2G J . 8.76 -16.20 -0.01
CA CA K . 4.41 13.78 9.46
CA CA L . 7.51 11.66 10.52
C12 MPG M . 12.64 27.59 16.27
C13 MPG M . 12.64 28.46 15.03
C14 MPG M . 11.83 27.80 13.93
C15 MPG M . 12.57 27.95 12.62
C16 MPG M . 11.58 28.14 11.49
C17 MPG M . 12.33 28.65 10.27
C18 MPG M . 11.34 29.12 9.22
C12 MPG N . 9.49 24.87 14.41
C13 MPG N . 9.54 24.45 12.96
C14 MPG N . 10.98 24.38 12.50
C15 MPG N . 11.05 23.81 11.10
C16 MPG N . 12.47 23.89 10.61
C17 MPG N . 12.55 23.39 9.18
C18 MPG N . 13.97 23.52 8.69
C12 MPG O . 8.68 32.97 9.94
C13 MPG O . 7.88 32.45 11.11
C14 MPG O . 8.31 31.03 11.44
C15 MPG O . 8.21 30.83 12.94
C16 MPG O . 8.23 29.35 13.28
C17 MPG O . 8.47 29.18 14.76
C18 MPG O . 7.81 27.90 15.25
C12 MPG P . 3.48 -8.35 26.41
C13 MPG P . 4.17 -7.29 27.23
C14 MPG P . 4.22 -7.70 28.69
C15 MPG P . 5.01 -6.69 29.49
C16 MPG P . 4.60 -6.75 30.95
C17 MPG P . 5.72 -6.22 31.82
C18 MPG P . 5.26 -6.19 33.27
O1 TLA Q . 2.23 4.00 14.33
O11 TLA Q . 0.13 4.28 14.85
C1 TLA Q . 1.06 4.28 14.00
C2 TLA Q . 0.74 4.64 12.56
O2 TLA Q . 1.89 4.50 11.76
C3 TLA Q . 0.22 6.06 12.50
O3 TLA Q . -0.75 6.24 13.50
C4 TLA Q . 1.36 7.05 12.68
O4 TLA Q . 1.13 8.29 12.62
O41 TLA Q . 2.55 6.65 12.88
N1 C2G R . 3.67 14.30 3.20
C2 C2G R . 4.36 14.89 2.16
N3 C2G R . 5.64 15.29 2.31
C4 C2G R . 6.27 15.08 3.52
C5 C2G R . 5.60 14.50 4.55
C6 C2G R . 4.29 14.10 4.39
O2 C2G R . 3.79 15.07 1.10
N4 C2G R . 7.62 15.49 3.70
C1' C2G R . 2.33 13.90 3.03
C2' C2G R . 2.26 12.62 2.67
O2' C2G R . 1.20 12.43 1.66
C3' C2G R . 1.88 11.85 3.94
C4' C2G R . 0.97 12.89 4.70
O4' C2G R . 1.52 14.05 4.45
O3' C2G R . 1.19 10.70 3.67
C5' C2G R . 0.93 12.67 6.22
O5' C2G R . 0.49 13.88 6.86
PA C2G R . 0.73 14.05 8.40
O1A C2G R . -0.20 15.08 8.90
O2A C2G R . 2.13 14.48 8.64
O3A C2G R . 0.45 12.70 9.10
PB C2G R . 1.16 12.16 10.41
O1B C2G R . 2.66 12.09 10.21
O2B C2G R . 0.58 10.79 10.75
O3B C2G R . 0.84 13.17 11.63
O1G C2G R . 1.00 12.26 16.05
C1G C2G R . 1.68 12.82 14.99
C2G C2G R . 0.73 13.57 13.99
O2G C2G R . -0.39 14.06 14.64
C3G C2G R . 0.31 12.65 12.87
#